data_2E93
#
_entry.id   2E93
#
_cell.length_a   45.788
_cell.length_b   115.821
_cell.length_c   129.997
_cell.angle_alpha   90.00
_cell.angle_beta   90.00
_cell.angle_gamma   90.00
#
_symmetry.space_group_name_H-M   'P 21 21 21'
#
loop_
_entity.id
_entity.type
_entity.pdbx_description
1 polymer 'Geranylgeranyl pyrophosphate synthetase'
2 non-polymer '[2-(3-DIBENZOFURAN-4-YL-PHENYL)-1-HYDROXY-1-PHOSPHONO-ETHYL]-PHOSPHONIC ACID'
3 water water
#
_entity_poly.entity_id   1
_entity_poly.type   'polypeptide(L)'
_entity_poly.pdbx_seq_one_letter_code
;MTKNKMEAKIDELINNDPVWSSQNESLISKPYNHILLKPGKNFRLNLIVQINRVMNLPKDQLAIVSQIVELLHNSSLLID
DIEDNAPLRRGQTTSHLIFGVPSTINTANYMYFRAMQLVSQLTTKEPLYHNLITIFNEELINLHRGQGLDIYWRDFLPEI
IPTQEMYLNMVMNKTGGLFRLTLRLMEALSPSSHHGHSLVPFINLLGIIYQIRDDYLNLKDFQMSSEKGFAEDITEGKLS
FPIVHALNFTKTKGQTEQHNEILRILLLRTSDKDIKLKLIQILEFDTNSLAYTKNFINQLVNMIKNDNENKYLPDLASHS
DTATNLHDELLYIIDHLSEL
;
_entity_poly.pdbx_strand_id   A,B
#
loop_
_chem_comp.id
_chem_comp.type
_chem_comp.name
_chem_comp.formula
B29 non-polymer '[2-(3-DIBENZOFURAN-4-YL-PHENYL)-1-HYDROXY-1-PHOSPHONO-ETHYL]-PHOSPHONIC ACID' 'C20 H18 O8 P2'
#
# COMPACT_ATOMS: atom_id res chain seq x y z
N ASN A 4 -20.95 14.57 -32.61
CA ASN A 4 -19.68 15.34 -32.70
C ASN A 4 -18.46 14.47 -32.33
N LYS A 5 -17.28 14.97 -32.65
CA LYS A 5 -16.03 14.28 -32.39
C LYS A 5 -15.64 14.08 -30.92
N MET A 6 -16.01 15.02 -30.04
CA MET A 6 -15.66 14.90 -28.63
C MET A 6 -16.37 13.72 -27.98
N GLU A 7 -17.65 13.62 -28.27
CA GLU A 7 -18.52 12.58 -27.78
C GLU A 7 -18.04 11.23 -28.36
N ALA A 8 -17.65 11.24 -29.63
CA ALA A 8 -17.15 10.03 -30.26
C ALA A 8 -15.84 9.61 -29.58
N LYS A 9 -14.98 10.57 -29.29
CA LYS A 9 -13.71 10.25 -28.64
C LYS A 9 -13.99 9.79 -27.18
N ILE A 10 -14.92 10.43 -26.49
CA ILE A 10 -15.22 10.03 -25.12
C ILE A 10 -15.84 8.61 -25.19
N ASP A 11 -16.66 8.36 -26.21
CA ASP A 11 -17.28 7.06 -26.35
C ASP A 11 -16.24 5.98 -26.57
N GLU A 12 -15.22 6.29 -27.33
CA GLU A 12 -14.17 5.31 -27.58
C GLU A 12 -13.40 5.01 -26.29
N LEU A 13 -13.12 6.07 -25.55
CA LEU A 13 -12.38 5.94 -24.32
C LEU A 13 -13.05 5.02 -23.32
N ILE A 14 -14.33 5.23 -23.05
CA ILE A 14 -15.05 4.44 -22.07
C ILE A 14 -15.43 3.03 -22.50
N ASN A 15 -15.27 2.76 -23.80
CA ASN A 15 -15.59 1.45 -24.29
C ASN A 15 -14.37 0.59 -24.46
N ASN A 16 -13.22 1.09 -24.03
CA ASN A 16 -11.99 0.31 -24.12
C ASN A 16 -11.32 0.23 -22.75
N ASP A 17 -10.36 -0.69 -22.65
CA ASP A 17 -9.59 -0.84 -21.43
C ASP A 17 -8.74 0.44 -21.25
N PRO A 18 -8.42 0.78 -19.99
CA PRO A 18 -7.58 1.97 -19.75
C PRO A 18 -6.30 1.88 -20.56
N VAL A 19 -5.90 3.00 -21.14
CA VAL A 19 -4.68 3.04 -21.91
C VAL A 19 -3.47 3.07 -20.96
N TRP A 20 -2.50 2.20 -21.19
CA TRP A 20 -1.31 2.17 -20.36
C TRP A 20 -0.13 1.84 -21.25
N SER A 21 0.92 2.63 -21.21
CA SER A 21 2.06 2.34 -22.07
C SER A 21 3.29 1.86 -21.35
N SER A 22 4.18 1.33 -22.17
CA SER A 22 5.46 0.84 -21.76
C SER A 22 6.28 1.96 -21.10
N GLN A 23 6.21 3.16 -21.67
CA GLN A 23 6.93 4.31 -21.14
C GLN A 23 6.34 4.59 -19.73
N ASN A 24 5.01 4.59 -19.61
CA ASN A 24 4.32 4.78 -18.33
C ASN A 24 4.80 3.73 -17.32
N GLU A 25 4.87 2.45 -17.74
CA GLU A 25 5.33 1.36 -16.86
C GLU A 25 6.74 1.68 -16.32
N SER A 26 7.62 2.15 -17.20
CA SER A 26 8.97 2.49 -16.75
C SER A 26 9.03 3.66 -15.73
N LEU A 27 8.30 4.74 -16.01
CA LEU A 27 8.28 5.89 -15.11
C LEU A 27 7.86 5.51 -13.69
N ILE A 28 6.81 4.75 -13.55
CA ILE A 28 6.40 4.44 -12.21
C ILE A 28 7.21 3.31 -11.59
N SER A 29 8.04 2.63 -12.38
CA SER A 29 8.82 1.55 -11.77
C SER A 29 10.14 2.03 -11.17
N LYS A 30 10.47 3.32 -11.35
CA LYS A 30 11.75 3.82 -10.85
C LYS A 30 12.17 3.44 -9.40
N PRO A 31 11.26 3.61 -8.40
CA PRO A 31 11.63 3.27 -7.01
C PRO A 31 12.01 1.79 -6.90
N TYR A 32 11.36 0.96 -7.69
CA TYR A 32 11.62 -0.45 -7.67
C TYR A 32 12.92 -0.76 -8.42
N ASN A 33 13.09 -0.23 -9.61
CA ASN A 33 14.30 -0.50 -10.40
C ASN A 33 15.56 -0.12 -9.62
N HIS A 34 15.47 0.96 -8.82
CA HIS A 34 16.61 1.42 -8.00
C HIS A 34 17.11 0.34 -7.00
N ILE A 35 16.20 -0.31 -6.29
CA ILE A 35 16.69 -1.29 -5.36
C ILE A 35 17.29 -2.53 -6.12
N LEU A 36 16.92 -2.79 -7.37
CA LEU A 36 17.57 -3.90 -8.12
C LEU A 36 19.04 -3.59 -8.50
N LEU A 37 19.43 -2.32 -8.48
CA LEU A 37 20.80 -1.94 -8.80
C LEU A 37 21.82 -2.61 -7.89
N LYS A 38 21.38 -3.07 -6.73
CA LYS A 38 22.32 -3.71 -5.83
C LYS A 38 21.80 -5.10 -5.60
N PRO A 39 22.67 -6.10 -5.55
CA PRO A 39 22.13 -7.43 -5.33
C PRO A 39 21.72 -7.65 -3.88
N GLY A 40 20.70 -8.45 -3.63
CA GLY A 40 20.30 -8.74 -2.26
C GLY A 40 20.88 -10.10 -1.86
N LYS A 41 20.59 -10.62 -0.68
CA LYS A 41 21.14 -11.94 -0.36
C LYS A 41 20.60 -12.83 -1.48
N ASN A 42 21.54 -13.22 -2.34
CA ASN A 42 21.35 -14.04 -3.55
C ASN A 42 21.12 -15.46 -3.10
N PHE A 43 21.47 -15.64 -1.83
CA PHE A 43 21.38 -16.91 -1.15
C PHE A 43 19.93 -17.17 -0.85
N ARG A 44 19.05 -16.36 -1.46
CA ARG A 44 17.63 -16.56 -1.27
C ARG A 44 17.07 -17.58 -2.23
N LEU A 45 17.37 -17.44 -3.52
CA LEU A 45 16.93 -18.43 -4.48
C LEU A 45 17.67 -19.68 -4.03
N ASN A 46 18.77 -19.48 -3.31
CA ASN A 46 19.60 -20.52 -2.66
C ASN A 46 18.76 -21.34 -1.66
N LEU A 47 18.00 -20.64 -0.75
CA LEU A 47 17.07 -21.24 0.25
C LEU A 47 15.91 -21.98 -0.44
N ILE A 48 15.37 -21.32 -1.46
CA ILE A 48 14.29 -21.91 -2.21
C ILE A 48 14.81 -23.16 -2.94
N VAL A 49 16.05 -23.15 -3.41
CA VAL A 49 16.57 -24.30 -4.10
C VAL A 49 16.75 -25.46 -3.11
N GLN A 50 17.15 -25.15 -1.88
CA GLN A 50 17.31 -26.17 -0.88
C GLN A 50 16.01 -26.83 -0.55
N ILE A 51 15.03 -26.03 -0.14
CA ILE A 51 13.73 -26.58 0.18
C ILE A 51 13.21 -27.43 -1.00
N ASN A 52 13.58 -27.07 -2.22
CA ASN A 52 13.05 -27.86 -3.33
C ASN A 52 13.59 -29.30 -3.42
N ARG A 53 14.68 -29.54 -2.73
CA ARG A 53 15.25 -30.87 -2.69
C ARG A 53 14.16 -31.78 -2.14
N VAL A 54 13.36 -31.23 -1.22
CA VAL A 54 12.26 -31.96 -0.60
C VAL A 54 10.95 -31.85 -1.35
N MET A 55 10.57 -30.65 -1.75
CA MET A 55 9.30 -30.44 -2.45
C MET A 55 9.35 -31.02 -3.85
N ASN A 56 10.51 -30.90 -4.48
CA ASN A 56 10.72 -31.40 -5.81
C ASN A 56 9.80 -30.82 -6.87
N LEU A 57 9.61 -29.50 -6.84
CA LEU A 57 8.79 -28.88 -7.87
C LEU A 57 9.57 -28.86 -9.18
N PRO A 58 8.86 -28.85 -10.31
CA PRO A 58 9.52 -28.79 -11.61
C PRO A 58 10.15 -27.39 -11.70
N LYS A 59 11.30 -27.34 -12.37
CA LYS A 59 12.10 -26.14 -12.51
C LYS A 59 11.36 -24.88 -12.94
N ASP A 60 10.47 -25.02 -13.91
CA ASP A 60 9.81 -23.83 -14.37
C ASP A 60 8.76 -23.28 -13.33
N GLN A 61 8.15 -24.17 -12.57
CA GLN A 61 7.17 -23.74 -11.56
C GLN A 61 7.93 -23.14 -10.39
N LEU A 62 9.09 -23.73 -10.07
CA LEU A 62 9.90 -23.22 -8.97
C LEU A 62 10.31 -21.78 -9.28
N ALA A 63 10.67 -21.53 -10.54
CA ALA A 63 11.10 -20.22 -11.00
C ALA A 63 10.04 -19.17 -10.70
N ILE A 64 8.78 -19.49 -10.98
CA ILE A 64 7.71 -18.58 -10.72
C ILE A 64 7.52 -18.29 -9.20
N VAL A 65 7.65 -19.33 -8.39
CA VAL A 65 7.51 -19.16 -6.96
C VAL A 65 8.60 -18.18 -6.54
N SER A 66 9.78 -18.38 -7.11
CA SER A 66 10.90 -17.54 -6.75
C SER A 66 10.71 -16.07 -7.13
N GLN A 67 10.12 -15.88 -8.29
CA GLN A 67 9.86 -14.55 -8.84
C GLN A 67 8.83 -13.78 -7.95
N ILE A 68 7.81 -14.51 -7.55
CA ILE A 68 6.78 -14.00 -6.69
C ILE A 68 7.34 -13.51 -5.35
N VAL A 69 8.13 -14.37 -4.69
CA VAL A 69 8.69 -14.06 -3.39
C VAL A 69 9.75 -12.93 -3.47
N GLU A 70 10.53 -12.97 -4.54
CA GLU A 70 11.54 -11.95 -4.78
C GLU A 70 10.88 -10.57 -4.98
N LEU A 71 9.82 -10.54 -5.76
CA LEU A 71 9.12 -9.32 -6.02
C LEU A 71 8.49 -8.74 -4.72
N LEU A 72 7.77 -9.59 -3.96
CA LEU A 72 7.17 -9.17 -2.70
C LEU A 72 8.26 -8.70 -1.74
N HIS A 73 9.35 -9.44 -1.67
CA HIS A 73 10.45 -9.09 -0.80
C HIS A 73 11.10 -7.75 -1.13
N ASN A 74 11.52 -7.59 -2.39
CA ASN A 74 12.17 -6.33 -2.79
C ASN A 74 11.24 -5.09 -2.57
N SER A 75 10.00 -5.23 -2.97
CA SER A 75 9.08 -4.10 -2.84
C SER A 75 8.71 -3.81 -1.37
N SER A 76 8.65 -4.86 -0.55
CA SER A 76 8.30 -4.65 0.87
C SER A 76 9.48 -3.87 1.51
N LEU A 77 10.69 -3.99 0.95
CA LEU A 77 11.82 -3.29 1.55
C LEU A 77 11.68 -1.80 1.32
N LEU A 78 11.10 -1.45 0.18
CA LEU A 78 10.86 -0.04 -0.15
C LEU A 78 9.98 0.58 0.96
N ILE A 79 8.95 -0.15 1.34
CA ILE A 79 7.99 0.28 2.35
C ILE A 79 8.60 0.26 3.76
N ASP A 80 9.36 -0.81 4.04
CA ASP A 80 9.99 -0.99 5.34
C ASP A 80 10.92 0.21 5.61
N ASP A 81 11.68 0.61 4.58
CA ASP A 81 12.62 1.71 4.75
C ASP A 81 11.87 3.05 4.93
N ILE A 82 10.69 3.19 4.32
CA ILE A 82 9.92 4.42 4.56
C ILE A 82 9.46 4.40 6.04
N GLU A 83 8.92 3.26 6.44
CA GLU A 83 8.40 3.09 7.78
C GLU A 83 9.44 3.25 8.89
N ASP A 84 10.72 2.97 8.59
CA ASP A 84 11.86 3.07 9.54
C ASP A 84 12.68 4.39 9.29
N ASN A 85 12.24 5.15 8.27
CA ASN A 85 12.90 6.31 7.70
C ASN A 85 14.41 5.98 7.53
N ALA A 86 14.70 4.85 6.94
CA ALA A 86 16.09 4.46 6.77
C ALA A 86 16.82 5.20 5.62
N PRO A 87 18.07 5.60 5.85
CA PRO A 87 18.87 6.30 4.82
C PRO A 87 19.58 5.37 3.78
N LEU A 88 19.79 4.10 4.14
CA LEU A 88 20.57 3.18 3.28
C LEU A 88 19.95 1.79 3.21
N ARG A 89 20.11 1.14 2.07
CA ARG A 89 19.58 -0.18 1.86
C ARG A 89 20.52 -0.76 0.82
N ARG A 90 21.13 -1.90 1.14
CA ARG A 90 22.07 -2.57 0.24
C ARG A 90 23.22 -1.60 -0.11
N GLY A 91 23.62 -0.79 0.86
CA GLY A 91 24.72 0.14 0.66
C GLY A 91 24.45 1.40 -0.18
N GLN A 92 23.23 1.61 -0.64
CA GLN A 92 22.95 2.83 -1.40
C GLN A 92 21.76 3.61 -0.78
N THR A 93 21.56 4.86 -1.19
CA THR A 93 20.49 5.66 -0.68
C THR A 93 19.14 4.95 -0.90
N THR A 94 18.26 5.04 0.08
CA THR A 94 16.92 4.42 -0.05
C THR A 94 16.13 5.11 -1.11
N SER A 95 15.28 4.36 -1.80
CA SER A 95 14.46 4.92 -2.89
C SER A 95 13.62 6.11 -2.49
N HIS A 96 12.99 6.06 -1.31
CA HIS A 96 12.13 7.16 -0.91
C HIS A 96 12.88 8.50 -0.73
N LEU A 97 14.16 8.45 -0.41
CA LEU A 97 14.90 9.72 -0.32
C LEU A 97 15.25 10.23 -1.73
N ILE A 98 15.12 9.38 -2.73
CA ILE A 98 15.46 9.80 -4.07
C ILE A 98 14.24 10.22 -4.87
N PHE A 99 13.24 9.35 -4.89
CA PHE A 99 12.02 9.56 -5.69
C PHE A 99 10.85 10.11 -4.90
N GLY A 100 11.05 10.17 -3.57
CA GLY A 100 10.08 10.67 -2.65
C GLY A 100 9.21 9.55 -2.08
N VAL A 101 8.74 9.79 -0.88
CA VAL A 101 7.80 8.90 -0.24
C VAL A 101 6.54 8.58 -1.05
N PRO A 102 5.90 9.60 -1.64
CA PRO A 102 4.67 9.24 -2.40
C PRO A 102 4.79 8.17 -3.49
N SER A 103 5.76 8.35 -4.36
CA SER A 103 5.98 7.44 -5.46
C SER A 103 6.42 6.07 -4.96
N THR A 104 7.28 6.07 -3.95
CA THR A 104 7.80 4.82 -3.43
C THR A 104 6.69 3.97 -2.80
N ILE A 105 5.78 4.60 -2.10
CA ILE A 105 4.67 3.84 -1.50
C ILE A 105 3.82 3.23 -2.64
N ASN A 106 3.47 4.09 -3.60
CA ASN A 106 2.61 3.62 -4.65
C ASN A 106 3.24 2.52 -5.48
N THR A 107 4.52 2.65 -5.79
CA THR A 107 5.22 1.63 -6.58
C THR A 107 5.35 0.30 -5.83
N ALA A 108 5.75 0.38 -4.56
CA ALA A 108 5.80 -0.83 -3.71
C ALA A 108 4.43 -1.53 -3.68
N ASN A 109 3.38 -0.77 -3.39
CA ASN A 109 2.06 -1.37 -3.36
C ASN A 109 1.68 -1.96 -4.72
N TYR A 110 2.07 -1.29 -5.82
CA TYR A 110 1.82 -1.79 -7.18
C TYR A 110 2.45 -3.17 -7.38
N MET A 111 3.69 -3.32 -6.94
CA MET A 111 4.38 -4.58 -7.06
C MET A 111 3.76 -5.71 -6.23
N TYR A 112 3.10 -5.39 -5.10
CA TYR A 112 2.39 -6.41 -4.29
C TYR A 112 1.30 -7.07 -5.23
N PHE A 113 0.54 -6.23 -5.94
CA PHE A 113 -0.48 -6.75 -6.87
C PHE A 113 0.07 -7.41 -8.14
N ARG A 114 1.27 -7.01 -8.61
CA ARG A 114 1.91 -7.63 -9.75
C ARG A 114 2.32 -9.04 -9.29
N ALA A 115 2.83 -9.14 -8.05
CA ALA A 115 3.23 -10.42 -7.47
C ALA A 115 1.99 -11.34 -7.45
N MET A 116 0.90 -10.80 -6.90
CA MET A 116 -0.34 -11.55 -6.82
C MET A 116 -0.76 -12.10 -8.20
N GLN A 117 -0.57 -11.31 -9.25
CA GLN A 117 -0.94 -11.69 -10.62
C GLN A 117 -0.13 -12.91 -11.14
N LEU A 118 1.11 -13.04 -10.71
CA LEU A 118 1.98 -14.17 -11.06
C LEU A 118 1.45 -15.54 -10.58
N VAL A 119 0.73 -15.54 -9.46
CA VAL A 119 0.16 -16.74 -8.90
C VAL A 119 -0.64 -17.55 -9.91
N SER A 120 -1.41 -16.88 -10.76
CA SER A 120 -2.15 -17.63 -11.72
C SER A 120 -1.24 -18.28 -12.78
N GLN A 121 0.03 -17.89 -12.86
CA GLN A 121 0.87 -18.59 -13.79
C GLN A 121 1.27 -19.94 -13.20
N LEU A 122 0.95 -20.20 -11.94
CA LEU A 122 1.32 -21.49 -11.33
C LEU A 122 0.44 -22.70 -11.68
N THR A 123 -0.83 -22.47 -11.93
CA THR A 123 -1.75 -23.55 -12.20
C THR A 123 -2.97 -23.10 -12.98
N THR A 124 -3.66 -24.09 -13.56
CA THR A 124 -4.89 -23.83 -14.31
C THR A 124 -6.04 -24.47 -13.55
N LYS A 125 -5.68 -25.30 -12.55
CA LYS A 125 -6.67 -26.04 -11.75
C LYS A 125 -7.34 -25.19 -10.67
N GLU A 126 -8.58 -24.77 -10.93
CA GLU A 126 -9.37 -23.93 -10.01
C GLU A 126 -9.13 -24.14 -8.50
N PRO A 127 -9.19 -25.39 -8.02
CA PRO A 127 -9.00 -25.77 -6.60
C PRO A 127 -7.63 -25.37 -6.02
N LEU A 128 -6.59 -25.85 -6.69
CA LEU A 128 -5.23 -25.55 -6.30
C LEU A 128 -4.99 -24.01 -6.38
N TYR A 129 -5.62 -23.35 -7.36
CA TYR A 129 -5.45 -21.92 -7.53
C TYR A 129 -6.01 -21.23 -6.30
N HIS A 130 -7.20 -21.66 -5.95
CA HIS A 130 -7.89 -21.13 -4.82
C HIS A 130 -7.01 -21.27 -3.56
N ASN A 131 -6.37 -22.42 -3.38
CA ASN A 131 -5.51 -22.55 -2.21
C ASN A 131 -4.24 -21.69 -2.26
N LEU A 132 -3.65 -21.46 -3.44
CA LEU A 132 -2.43 -20.65 -3.52
C LEU A 132 -2.83 -19.21 -3.10
N ILE A 133 -3.95 -18.73 -3.63
CA ILE A 133 -4.44 -17.42 -3.32
C ILE A 133 -4.72 -17.26 -1.82
N THR A 134 -5.40 -18.22 -1.20
CA THR A 134 -5.66 -18.19 0.24
C THR A 134 -4.35 -18.12 1.03
N ILE A 135 -3.34 -18.87 0.64
CA ILE A 135 -2.08 -18.85 1.33
C ILE A 135 -1.45 -17.43 1.22
N PHE A 136 -1.48 -16.88 0.02
CA PHE A 136 -0.94 -15.56 -0.26
C PHE A 136 -1.67 -14.56 0.65
N ASN A 137 -3.01 -14.60 0.63
CA ASN A 137 -3.79 -13.65 1.44
C ASN A 137 -3.53 -13.77 2.96
N GLU A 138 -3.47 -14.99 3.46
CA GLU A 138 -3.21 -15.27 4.84
C GLU A 138 -1.86 -14.70 5.36
N GLU A 139 -0.78 -15.00 4.63
CA GLU A 139 0.51 -14.55 5.09
C GLU A 139 0.69 -13.06 4.94
N LEU A 140 0.06 -12.46 3.91
CA LEU A 140 0.14 -11.01 3.70
C LEU A 140 -0.58 -10.38 4.90
N ILE A 141 -1.66 -11.00 5.34
CA ILE A 141 -2.36 -10.50 6.49
C ILE A 141 -1.44 -10.62 7.71
N ASN A 142 -0.82 -11.77 7.91
CA ASN A 142 0.09 -11.95 9.05
C ASN A 142 1.25 -10.96 9.00
N LEU A 143 1.85 -10.81 7.83
CA LEU A 143 2.96 -9.91 7.65
C LEU A 143 2.59 -8.52 8.12
N HIS A 144 1.45 -8.00 7.70
CA HIS A 144 1.06 -6.65 8.09
C HIS A 144 0.69 -6.58 9.60
N ARG A 145 0.09 -7.64 10.15
CA ARG A 145 -0.20 -7.60 11.59
C ARG A 145 1.12 -7.47 12.37
N GLY A 146 2.13 -8.28 12.04
CA GLY A 146 3.37 -8.14 12.76
C GLY A 146 4.11 -6.80 12.61
N GLN A 147 4.17 -6.30 11.37
CA GLN A 147 4.84 -5.03 11.08
C GLN A 147 4.04 -3.95 11.79
N GLY A 148 2.70 -4.07 11.80
CA GLY A 148 1.91 -3.06 12.48
C GLY A 148 2.29 -2.96 13.96
N LEU A 149 2.47 -4.10 14.63
CA LEU A 149 2.89 -4.16 16.03
C LEU A 149 4.29 -3.57 16.22
N ASP A 150 5.23 -3.99 15.38
CA ASP A 150 6.58 -3.49 15.46
C ASP A 150 6.65 -1.95 15.32
N ILE A 151 5.95 -1.39 14.36
CA ILE A 151 5.92 0.07 14.14
C ILE A 151 5.22 0.75 15.36
N TYR A 152 4.10 0.20 15.80
CA TYR A 152 3.38 0.80 16.89
C TYR A 152 4.25 0.89 18.17
N TRP A 153 4.81 -0.23 18.60
CA TRP A 153 5.67 -0.19 19.77
C TRP A 153 6.79 0.85 19.63
N ARG A 154 7.45 0.89 18.48
CA ARG A 154 8.54 1.84 18.25
C ARG A 154 8.06 3.33 18.24
N ASP A 155 6.95 3.59 17.59
CA ASP A 155 6.49 4.96 17.45
C ASP A 155 5.74 5.52 18.63
N PHE A 156 5.17 4.65 19.47
CA PHE A 156 4.47 5.11 20.62
C PHE A 156 5.18 4.82 21.92
N LEU A 157 6.43 4.37 21.82
CA LEU A 157 7.24 4.09 23.03
C LEU A 157 7.16 5.39 23.91
N PRO A 158 7.08 5.26 25.23
CA PRO A 158 7.04 4.04 26.04
C PRO A 158 5.66 3.49 26.35
N GLU A 159 4.65 3.80 25.54
CA GLU A 159 3.32 3.27 25.81
C GLU A 159 3.28 1.76 26.05
N ILE A 160 3.97 0.98 25.23
CA ILE A 160 4.00 -0.44 25.48
C ILE A 160 5.45 -0.93 25.51
N ILE A 161 5.88 -1.60 26.56
CA ILE A 161 7.22 -2.17 26.54
C ILE A 161 6.93 -3.67 26.33
N PRO A 162 7.28 -4.22 25.17
CA PRO A 162 7.03 -5.64 24.90
C PRO A 162 7.88 -6.58 25.69
N THR A 163 7.31 -7.72 26.05
CA THR A 163 8.09 -8.75 26.72
C THR A 163 8.69 -9.60 25.58
N GLN A 164 9.61 -10.49 25.93
CA GLN A 164 10.25 -11.41 25.01
C GLN A 164 9.12 -12.20 24.32
N GLU A 165 8.12 -12.63 25.09
CA GLU A 165 6.97 -13.38 24.53
C GLU A 165 6.27 -12.55 23.43
N MET A 166 5.96 -11.31 23.76
CA MET A 166 5.29 -10.47 22.78
C MET A 166 6.16 -10.29 21.52
N TYR A 167 7.46 -10.06 21.71
CA TYR A 167 8.37 -9.87 20.55
C TYR A 167 8.37 -11.12 19.61
N LEU A 168 8.41 -12.31 20.23
CA LEU A 168 8.44 -13.56 19.47
C LEU A 168 7.12 -13.74 18.74
N ASN A 169 6.01 -13.30 19.33
CA ASN A 169 4.77 -13.45 18.57
C ASN A 169 4.72 -12.50 17.37
N MET A 170 5.24 -11.27 17.55
CA MET A 170 5.31 -10.28 16.48
C MET A 170 6.17 -10.88 15.34
N VAL A 171 7.32 -11.43 15.69
CA VAL A 171 8.18 -12.06 14.69
C VAL A 171 7.51 -13.23 13.98
N MET A 172 6.74 -14.04 14.70
CA MET A 172 6.01 -15.16 14.11
C MET A 172 5.01 -14.62 13.04
N ASN A 173 4.45 -13.44 13.28
CA ASN A 173 3.56 -12.84 12.31
C ASN A 173 4.31 -12.25 11.15
N LYS A 174 5.29 -11.44 11.47
CA LYS A 174 6.03 -10.72 10.45
C LYS A 174 7.02 -11.60 9.70
N THR A 175 8.20 -11.82 10.28
CA THR A 175 9.21 -12.57 9.55
C THR A 175 8.78 -14.01 9.28
N GLY A 176 8.06 -14.62 10.20
CA GLY A 176 7.58 -15.96 9.96
C GLY A 176 6.62 -15.90 8.76
N GLY A 177 5.94 -14.78 8.57
CA GLY A 177 5.01 -14.71 7.46
C GLY A 177 5.62 -14.90 6.08
N LEU A 178 6.75 -14.29 5.82
CA LEU A 178 7.44 -14.42 4.52
C LEU A 178 8.04 -15.82 4.39
N PHE A 179 8.61 -16.36 5.46
CA PHE A 179 9.15 -17.72 5.36
C PHE A 179 8.03 -18.71 5.12
N ARG A 180 6.92 -18.57 5.83
CA ARG A 180 5.80 -19.49 5.64
C ARG A 180 5.20 -19.31 4.26
N LEU A 181 5.10 -18.07 3.79
CA LEU A 181 4.56 -17.83 2.47
C LEU A 181 5.34 -18.66 1.43
N THR A 182 6.67 -18.55 1.45
CA THR A 182 7.47 -19.30 0.51
C THR A 182 7.27 -20.84 0.66
N LEU A 183 7.37 -21.34 1.89
CA LEU A 183 7.20 -22.76 2.11
C LEU A 183 5.78 -23.24 1.82
N ARG A 184 4.76 -22.52 2.27
CA ARG A 184 3.42 -23.00 2.00
C ARG A 184 3.05 -23.07 0.51
N LEU A 185 3.57 -22.15 -0.28
CA LEU A 185 3.25 -22.19 -1.69
C LEU A 185 3.89 -23.44 -2.30
N MET A 186 5.15 -23.70 -1.95
CA MET A 186 5.82 -24.86 -2.48
C MET A 186 5.18 -26.18 -2.00
N GLU A 187 4.75 -26.25 -0.73
CA GLU A 187 4.11 -27.45 -0.23
C GLU A 187 2.80 -27.61 -0.96
N ALA A 188 2.04 -26.53 -1.21
CA ALA A 188 0.79 -26.70 -1.94
C ALA A 188 1.09 -27.12 -3.42
N LEU A 189 2.25 -26.82 -3.97
CA LEU A 189 2.49 -27.23 -5.35
C LEU A 189 3.09 -28.62 -5.43
N SER A 190 3.64 -29.11 -4.34
CA SER A 190 4.31 -30.40 -4.36
C SER A 190 3.42 -31.59 -4.57
N PRO A 191 3.83 -32.46 -5.54
CA PRO A 191 3.17 -33.71 -5.95
C PRO A 191 2.57 -34.54 -4.80
N HIS A 197 3.86 -34.27 7.80
CA HIS A 197 5.31 -33.91 7.80
C HIS A 197 5.57 -32.57 7.09
N SER A 198 4.87 -31.53 7.54
CA SER A 198 5.04 -30.21 6.96
C SER A 198 6.31 -29.60 7.54
N LEU A 199 6.96 -28.75 6.76
CA LEU A 199 8.15 -28.09 7.25
C LEU A 199 7.78 -26.73 7.93
N VAL A 200 6.51 -26.46 8.11
CA VAL A 200 6.15 -25.18 8.67
C VAL A 200 6.83 -24.85 10.03
N PRO A 201 6.78 -25.81 11.00
CA PRO A 201 7.40 -25.56 12.30
C PRO A 201 8.89 -25.25 12.11
N PHE A 202 9.56 -26.03 11.27
CA PHE A 202 10.95 -25.75 10.97
C PHE A 202 11.19 -24.35 10.29
N ILE A 203 10.31 -23.94 9.38
CA ILE A 203 10.52 -22.68 8.69
C ILE A 203 10.23 -21.52 9.66
N ASN A 204 9.34 -21.74 10.65
CA ASN A 204 9.02 -20.71 11.67
C ASN A 204 10.26 -20.52 12.54
N LEU A 205 10.96 -21.63 12.83
CA LEU A 205 12.15 -21.56 13.64
C LEU A 205 13.22 -20.78 12.87
N LEU A 206 13.35 -21.10 11.61
CA LEU A 206 14.31 -20.42 10.77
C LEU A 206 14.00 -18.89 10.70
N GLY A 207 12.74 -18.51 10.57
CA GLY A 207 12.40 -17.10 10.48
C GLY A 207 12.76 -16.39 11.77
N ILE A 208 12.53 -17.04 12.90
CA ILE A 208 12.86 -16.40 14.18
C ILE A 208 14.38 -16.24 14.34
N ILE A 209 15.12 -17.30 14.03
CA ILE A 209 16.58 -17.27 14.13
C ILE A 209 17.06 -16.15 13.30
N TYR A 210 16.50 -16.05 12.12
CA TYR A 210 16.90 -15.03 11.18
C TYR A 210 16.68 -13.58 11.67
N GLN A 211 15.51 -13.32 12.20
CA GLN A 211 15.21 -12.01 12.69
C GLN A 211 16.05 -11.63 13.92
N ILE A 212 16.21 -12.57 14.85
CA ILE A 212 16.97 -12.28 16.07
C ILE A 212 18.44 -12.06 15.65
N ARG A 213 18.93 -12.88 14.74
CA ARG A 213 20.30 -12.74 14.30
C ARG A 213 20.50 -11.38 13.61
N ASP A 214 19.52 -10.99 12.82
CA ASP A 214 19.49 -9.73 12.09
C ASP A 214 19.54 -8.56 13.13
N ASP A 215 18.73 -8.65 14.19
CA ASP A 215 18.70 -7.62 15.26
C ASP A 215 20.10 -7.57 15.94
N TYR A 216 20.64 -8.75 16.21
CA TYR A 216 21.94 -8.86 16.89
C TYR A 216 23.10 -8.30 16.10
N LEU A 217 23.21 -8.70 14.85
CA LEU A 217 24.34 -8.23 14.04
C LEU A 217 24.28 -6.70 13.84
N ASN A 218 23.07 -6.12 13.83
CA ASN A 218 22.92 -4.72 13.64
C ASN A 218 23.70 -4.02 14.71
N LEU A 219 23.76 -4.54 15.93
CA LEU A 219 24.49 -3.87 16.95
C LEU A 219 25.96 -4.33 17.07
N LYS A 220 26.21 -5.55 16.63
CA LYS A 220 27.51 -6.21 16.75
C LYS A 220 28.51 -5.76 15.69
N ASP A 221 28.01 -5.06 14.67
CA ASP A 221 28.88 -4.55 13.60
C ASP A 221 28.98 -3.01 13.66
N GLU A 227 25.06 -2.92 3.86
CA GLU A 227 25.22 -1.61 4.56
C GLU A 227 23.87 -0.87 4.76
N LYS A 228 23.63 -0.57 6.03
CA LYS A 228 22.46 0.13 6.50
C LYS A 228 22.95 1.27 7.41
N GLY A 229 24.27 1.35 7.65
CA GLY A 229 24.83 2.38 8.52
C GLY A 229 25.19 1.82 9.88
N PHE A 230 25.77 2.61 10.79
CA PHE A 230 26.16 2.10 12.11
C PHE A 230 25.05 1.93 13.12
N ALA A 231 24.71 0.69 13.44
CA ALA A 231 23.68 0.36 14.46
C ALA A 231 22.44 1.22 14.17
N GLU A 232 21.99 1.21 12.91
CA GLU A 232 20.89 2.05 12.51
C GLU A 232 19.58 1.69 13.21
N ASP A 233 19.45 0.46 13.72
CA ASP A 233 18.23 0.10 14.49
C ASP A 233 18.10 1.01 15.73
N ILE A 234 19.23 1.50 16.25
CA ILE A 234 19.13 2.41 17.43
C ILE A 234 18.58 3.78 16.95
N THR A 235 19.07 4.25 15.81
CA THR A 235 18.60 5.53 15.24
C THR A 235 17.11 5.52 14.92
N GLU A 236 16.62 4.33 14.57
CA GLU A 236 15.23 4.11 14.23
C GLU A 236 14.39 3.81 15.47
N GLY A 237 15.04 3.58 16.61
CA GLY A 237 14.33 3.32 17.86
C GLY A 237 13.61 1.97 18.00
N LYS A 238 14.04 0.96 17.23
CA LYS A 238 13.42 -0.36 17.21
C LYS A 238 13.44 -1.11 18.52
N LEU A 239 12.35 -1.83 18.82
CA LEU A 239 12.28 -2.68 19.99
C LEU A 239 12.88 -4.02 19.47
N SER A 240 14.21 -4.05 19.25
CA SER A 240 14.92 -5.24 18.73
C SER A 240 14.99 -6.34 19.82
N PHE A 241 15.45 -7.53 19.43
CA PHE A 241 15.51 -8.56 20.46
C PHE A 241 16.46 -8.15 21.62
N PRO A 242 17.67 -7.66 21.34
CA PRO A 242 18.51 -7.28 22.50
C PRO A 242 17.89 -6.12 23.33
N ILE A 243 17.24 -5.16 22.64
CA ILE A 243 16.60 -4.04 23.37
C ILE A 243 15.48 -4.51 24.28
N VAL A 244 14.67 -5.46 23.79
CA VAL A 244 13.58 -6.01 24.62
C VAL A 244 14.13 -6.76 25.87
N HIS A 245 15.15 -7.57 25.69
CA HIS A 245 15.75 -8.22 26.82
C HIS A 245 16.21 -7.14 27.84
N ALA A 246 16.90 -6.12 27.36
CA ALA A 246 17.44 -5.07 28.21
C ALA A 246 16.38 -4.24 28.96
N LEU A 247 15.29 -3.92 28.28
CA LEU A 247 14.23 -3.14 28.93
C LEU A 247 13.54 -3.97 30.01
N ASN A 248 13.37 -5.25 29.76
CA ASN A 248 12.71 -6.10 30.72
C ASN A 248 13.69 -6.47 31.85
N PHE A 249 14.96 -6.63 31.50
CA PHE A 249 16.00 -6.97 32.48
C PHE A 249 16.11 -5.84 33.52
N THR A 250 16.21 -4.59 33.03
CA THR A 250 16.35 -3.42 33.89
C THR A 250 15.15 -3.19 34.78
N LYS A 251 13.95 -3.42 34.26
CA LYS A 251 12.73 -3.27 35.04
C LYS A 251 12.76 -4.31 36.19
N THR A 252 12.98 -5.57 35.82
CA THR A 252 13.04 -6.70 36.74
C THR A 252 14.08 -6.57 37.85
N LYS A 253 15.27 -6.05 37.52
CA LYS A 253 16.32 -5.89 38.49
C LYS A 253 16.25 -4.57 39.24
N GLY A 254 15.22 -3.77 39.00
CA GLY A 254 15.19 -2.48 39.66
C GLY A 254 16.22 -1.46 39.14
N GLN A 255 16.76 -1.62 37.93
CA GLN A 255 17.71 -0.64 37.41
C GLN A 255 16.93 0.49 36.75
N THR A 256 16.23 1.25 37.59
CA THR A 256 15.39 2.35 37.12
C THR A 256 16.12 3.36 36.20
N GLU A 257 17.26 3.85 36.65
CA GLU A 257 18.00 4.80 35.84
C GLU A 257 18.35 4.23 34.42
N GLN A 258 18.91 3.03 34.35
CA GLN A 258 19.30 2.43 33.08
C GLN A 258 18.08 2.18 32.20
N HIS A 259 17.00 1.72 32.80
CA HIS A 259 15.77 1.47 32.05
C HIS A 259 15.36 2.77 31.37
N ASN A 260 15.35 3.86 32.13
CA ASN A 260 14.93 5.15 31.55
C ASN A 260 15.91 5.72 30.52
N GLU A 261 17.21 5.47 30.71
CA GLU A 261 18.20 5.99 29.77
C GLU A 261 18.06 5.15 28.47
N ILE A 262 17.77 3.87 28.56
CA ILE A 262 17.59 3.11 27.30
C ILE A 262 16.40 3.73 26.54
N LEU A 263 15.29 3.98 27.22
CA LEU A 263 14.13 4.60 26.58
C LEU A 263 14.47 5.98 25.94
N ARG A 264 15.18 6.81 26.71
CA ARG A 264 15.57 8.15 26.28
C ARG A 264 16.40 8.05 25.00
N ILE A 265 17.40 7.17 25.00
CA ILE A 265 18.20 7.11 23.81
C ILE A 265 17.36 6.67 22.61
N LEU A 266 16.53 5.65 22.78
CA LEU A 266 15.69 5.22 21.68
C LEU A 266 14.83 6.33 21.12
N LEU A 267 14.22 7.11 22.04
CA LEU A 267 13.37 8.24 21.69
C LEU A 267 14.10 9.42 21.00
N LEU A 268 15.43 9.53 21.16
CA LEU A 268 16.16 10.60 20.45
C LEU A 268 16.20 10.39 18.91
N ARG A 269 16.09 9.13 18.46
CA ARG A 269 16.24 8.86 17.03
C ARG A 269 17.58 9.53 16.61
N THR A 270 18.65 9.25 17.35
CA THR A 270 19.90 9.93 17.07
C THR A 270 20.87 9.21 16.10
N SER A 271 21.65 9.98 15.36
CA SER A 271 22.68 9.42 14.50
C SER A 271 24.01 9.64 15.19
N ASP A 272 24.00 10.14 16.42
CA ASP A 272 25.27 10.36 17.09
C ASP A 272 25.95 9.02 17.43
N LYS A 273 27.12 8.80 16.84
CA LYS A 273 27.78 7.53 17.00
C LYS A 273 28.19 7.19 18.43
N ASP A 274 28.51 8.22 19.22
CA ASP A 274 28.91 7.93 20.61
C ASP A 274 27.73 7.60 21.48
N ILE A 275 26.60 8.22 21.18
CA ILE A 275 25.39 7.95 21.94
C ILE A 275 24.98 6.52 21.62
N LYS A 276 25.05 6.15 20.34
CA LYS A 276 24.73 4.75 19.96
C LYS A 276 25.71 3.76 20.62
N LEU A 277 26.98 4.13 20.69
CA LEU A 277 27.98 3.27 21.29
C LEU A 277 27.71 3.13 22.79
N LYS A 278 27.32 4.23 23.44
CA LYS A 278 26.97 4.14 24.86
C LYS A 278 25.86 3.06 25.09
N LEU A 279 24.78 3.20 24.33
CA LEU A 279 23.67 2.25 24.46
C LEU A 279 24.17 0.84 24.24
N ILE A 280 24.96 0.63 23.17
CA ILE A 280 25.47 -0.72 22.88
C ILE A 280 26.31 -1.28 24.06
N GLN A 281 27.08 -0.43 24.75
CA GLN A 281 27.91 -0.91 25.88
C GLN A 281 27.07 -1.11 27.14
N ILE A 282 25.94 -0.43 27.21
CA ILE A 282 25.03 -0.67 28.33
C ILE A 282 24.52 -2.13 28.11
N LEU A 283 24.17 -2.45 26.85
CA LEU A 283 23.70 -3.81 26.53
C LEU A 283 24.81 -4.86 26.72
N GLU A 284 26.05 -4.45 26.54
CA GLU A 284 27.20 -5.34 26.67
C GLU A 284 27.52 -5.67 28.12
N PHE A 285 27.75 -4.64 28.93
CA PHE A 285 28.15 -4.76 30.34
C PHE A 285 27.14 -4.59 31.44
N ASP A 286 26.07 -3.85 31.22
CA ASP A 286 25.12 -3.66 32.30
C ASP A 286 23.99 -4.67 32.29
N THR A 287 23.42 -4.93 31.13
CA THR A 287 22.33 -5.88 31.11
C THR A 287 22.77 -7.20 30.53
N ASN A 288 23.96 -7.27 29.94
CA ASN A 288 24.45 -8.50 29.29
C ASN A 288 23.47 -9.03 28.23
N SER A 289 22.76 -8.07 27.60
CA SER A 289 21.79 -8.42 26.56
C SER A 289 22.44 -9.00 25.28
N LEU A 290 23.63 -8.56 24.93
CA LEU A 290 24.23 -9.09 23.72
C LEU A 290 24.58 -10.58 23.89
N ALA A 291 25.14 -10.91 25.05
CA ALA A 291 25.54 -12.29 25.34
C ALA A 291 24.27 -13.13 25.47
N TYR A 292 23.23 -12.57 26.13
CA TYR A 292 21.97 -13.26 26.27
C TYR A 292 21.44 -13.61 24.88
N THR A 293 21.52 -12.65 23.97
CA THR A 293 21.01 -12.86 22.60
C THR A 293 21.80 -13.91 21.82
N LYS A 294 23.13 -13.81 21.87
CA LYS A 294 24.03 -14.74 21.19
C LYS A 294 23.71 -16.18 21.67
N ASN A 295 23.67 -16.37 22.99
CA ASN A 295 23.31 -17.68 23.51
C ASN A 295 21.89 -18.10 23.03
N PHE A 296 20.92 -17.18 23.05
CA PHE A 296 19.56 -17.49 22.65
C PHE A 296 19.58 -17.98 21.20
N ILE A 297 20.30 -17.29 20.35
CA ILE A 297 20.41 -17.71 18.99
C ILE A 297 21.03 -19.14 18.91
N ASN A 298 22.18 -19.35 19.57
CA ASN A 298 22.81 -20.67 19.51
C ASN A 298 21.87 -21.79 19.98
N GLN A 299 21.06 -21.49 20.99
CA GLN A 299 20.11 -22.45 21.54
C GLN A 299 19.02 -22.85 20.57
N LEU A 300 18.56 -21.87 19.78
CA LEU A 300 17.54 -22.13 18.76
C LEU A 300 18.15 -22.99 17.65
N VAL A 301 19.38 -22.66 17.25
CA VAL A 301 20.10 -23.37 16.20
C VAL A 301 20.35 -24.82 16.66
N ASN A 302 20.70 -25.00 17.95
CA ASN A 302 20.93 -26.33 18.49
C ASN A 302 19.63 -27.13 18.50
N MET A 303 18.49 -26.43 18.44
CA MET A 303 17.20 -27.13 18.38
C MET A 303 17.08 -27.82 17.01
N ILE A 304 17.69 -27.25 15.98
CA ILE A 304 17.67 -27.88 14.68
C ILE A 304 18.78 -28.94 14.68
N LYS A 305 20.02 -28.46 14.80
CA LYS A 305 21.21 -29.30 14.82
C LYS A 305 21.07 -30.58 15.66
N ASN A 306 20.73 -30.41 16.93
CA ASN A 306 20.62 -31.55 17.84
C ASN A 306 19.22 -32.15 17.93
N ASP A 307 18.64 -32.44 16.78
CA ASP A 307 17.32 -33.03 16.70
C ASP A 307 17.41 -34.35 15.94
N TYR A 332 22.95 -28.63 4.10
CA TYR A 332 21.82 -28.28 5.01
C TYR A 332 21.57 -26.77 5.12
N ILE A 333 20.31 -26.39 4.93
CA ILE A 333 19.88 -24.99 4.97
C ILE A 333 20.45 -24.23 6.16
N ILE A 334 19.97 -24.61 7.34
CA ILE A 334 20.35 -24.01 8.61
C ILE A 334 21.80 -23.53 8.81
N ASP A 335 22.69 -23.82 7.87
CA ASP A 335 24.08 -23.38 8.02
C ASP A 335 24.36 -21.93 7.63
N HIS A 336 23.45 -21.34 6.87
CA HIS A 336 23.59 -19.96 6.40
C HIS A 336 24.99 -19.79 5.83
N ASN B 4 15.91 -26.67 28.90
CA ASN B 4 14.57 -27.31 29.08
C ASN B 4 13.48 -26.34 28.71
N LYS B 5 13.05 -25.53 29.70
CA LYS B 5 11.96 -24.56 29.57
C LYS B 5 11.87 -23.68 28.30
N MET B 6 12.97 -23.06 27.94
CA MET B 6 13.00 -22.18 26.78
C MET B 6 12.68 -23.02 25.53
N GLU B 7 13.36 -24.15 25.39
CA GLU B 7 13.14 -25.01 24.25
C GLU B 7 11.67 -25.41 24.17
N ALA B 8 11.05 -25.67 25.31
CA ALA B 8 9.67 -26.10 25.31
C ALA B 8 8.76 -24.97 24.89
N LYS B 9 9.12 -23.74 25.27
CA LYS B 9 8.31 -22.59 24.87
C LYS B 9 8.45 -22.34 23.36
N ILE B 10 9.65 -22.52 22.83
CA ILE B 10 9.88 -22.34 21.42
C ILE B 10 9.10 -23.42 20.63
N ASP B 11 9.15 -24.67 21.07
CA ASP B 11 8.43 -25.78 20.38
C ASP B 11 6.95 -25.46 20.21
N GLU B 12 6.35 -24.99 21.30
CA GLU B 12 4.95 -24.63 21.26
C GLU B 12 4.66 -23.47 20.27
N LEU B 13 5.49 -22.45 20.34
CA LEU B 13 5.39 -21.29 19.50
C LEU B 13 5.39 -21.65 17.98
N ILE B 14 6.43 -22.38 17.55
CA ILE B 14 6.59 -22.75 16.13
C ILE B 14 5.63 -23.82 15.63
N ASN B 15 4.89 -24.47 16.53
CA ASN B 15 3.94 -25.48 16.10
C ASN B 15 2.53 -24.96 16.05
N ASN B 16 2.34 -23.73 16.47
CA ASN B 16 1.03 -23.14 16.45
C ASN B 16 0.97 -22.02 15.41
N ASP B 17 -0.24 -21.59 15.07
CA ASP B 17 -0.40 -20.47 14.17
C ASP B 17 0.17 -19.25 14.92
N PRO B 18 0.45 -18.15 14.19
CA PRO B 18 0.99 -16.94 14.82
C PRO B 18 -0.06 -16.39 15.81
N VAL B 19 0.38 -16.00 17.00
CA VAL B 19 -0.53 -15.48 17.98
C VAL B 19 -0.95 -14.04 17.62
N TRP B 20 -2.24 -13.73 17.72
CA TRP B 20 -2.73 -12.40 17.41
C TRP B 20 -3.95 -12.16 18.24
N SER B 21 -4.05 -11.02 18.91
CA SER B 21 -5.24 -10.83 19.73
C SER B 21 -6.14 -9.74 19.26
N SER B 22 -7.29 -9.63 19.94
CA SER B 22 -8.28 -8.61 19.67
C SER B 22 -7.70 -7.25 19.99
N GLN B 23 -6.91 -7.19 21.05
CA GLN B 23 -6.22 -5.97 21.45
C GLN B 23 -5.19 -5.62 20.36
N ASN B 24 -4.46 -6.61 19.83
CA ASN B 24 -3.48 -6.32 18.76
C ASN B 24 -4.27 -5.70 17.55
N GLU B 25 -5.42 -6.26 17.25
CA GLU B 25 -6.24 -5.80 16.15
C GLU B 25 -6.70 -4.36 16.34
N SER B 26 -7.10 -4.01 17.56
CA SER B 26 -7.52 -2.65 17.81
C SER B 26 -6.30 -1.72 17.65
N LEU B 27 -5.14 -2.11 18.17
CA LEU B 27 -3.98 -1.22 17.97
C LEU B 27 -3.68 -0.91 16.51
N ILE B 28 -3.64 -1.93 15.64
CA ILE B 28 -3.25 -1.56 14.28
C ILE B 28 -4.40 -0.97 13.49
N SER B 29 -5.61 -1.08 14.01
CA SER B 29 -6.72 -0.49 13.31
C SER B 29 -6.92 1.01 13.62
N LYS B 30 -6.18 1.57 14.56
CA LYS B 30 -6.40 2.98 14.92
C LYS B 30 -6.41 3.97 13.79
N PRO B 31 -5.41 3.91 12.86
CA PRO B 31 -5.48 4.90 11.78
C PRO B 31 -6.76 4.78 10.92
N TYR B 32 -7.26 3.54 10.77
CA TYR B 32 -8.46 3.25 9.98
C TYR B 32 -9.77 3.73 10.69
N ASN B 33 -9.90 3.40 11.98
CA ASN B 33 -11.08 3.81 12.73
C ASN B 33 -11.18 5.33 12.79
N HIS B 34 -10.05 6.03 12.84
CA HIS B 34 -10.06 7.48 12.86
C HIS B 34 -10.83 8.10 11.67
N ILE B 35 -10.65 7.55 10.49
CA ILE B 35 -11.31 8.07 9.31
C ILE B 35 -12.77 7.62 9.38
N LEU B 36 -13.07 6.58 10.14
CA LEU B 36 -14.47 6.20 10.26
C LEU B 36 -15.13 7.17 11.26
N LEU B 37 -14.36 7.94 12.01
CA LEU B 37 -14.94 8.90 12.97
C LEU B 37 -15.92 9.87 12.28
N LYS B 38 -15.74 10.10 10.97
CA LYS B 38 -16.66 10.94 10.21
C LYS B 38 -17.08 10.07 9.03
N PRO B 39 -18.40 9.91 8.78
CA PRO B 39 -18.78 9.06 7.65
C PRO B 39 -18.46 9.68 6.29
N GLY B 40 -18.41 11.01 6.25
CA GLY B 40 -18.16 11.67 4.99
C GLY B 40 -19.39 11.54 4.11
N LYS B 41 -19.19 11.58 2.78
CA LYS B 41 -20.28 11.49 1.81
C LYS B 41 -20.70 10.05 1.55
N ASN B 42 -20.77 9.22 2.60
CA ASN B 42 -21.16 7.82 2.41
C ASN B 42 -22.58 7.63 1.88
N PHE B 43 -22.68 7.68 0.56
CA PHE B 43 -23.90 7.51 -0.21
C PHE B 43 -23.42 6.58 -1.31
N ARG B 44 -22.28 5.97 -1.03
CA ARG B 44 -21.66 5.01 -1.93
C ARG B 44 -22.52 3.76 -1.85
N LEU B 45 -22.88 3.39 -0.64
CA LEU B 45 -23.71 2.23 -0.40
C LEU B 45 -24.96 2.42 -1.23
N ASN B 46 -25.31 3.66 -1.50
CA ASN B 46 -26.49 3.93 -2.28
C ASN B 46 -26.30 3.55 -3.76
N LEU B 47 -25.21 3.98 -4.38
CA LEU B 47 -24.99 3.65 -5.78
C LEU B 47 -24.96 2.14 -5.92
N ILE B 48 -24.36 1.44 -4.96
CA ILE B 48 -24.30 -0.02 -5.03
C ILE B 48 -25.71 -0.62 -4.97
N VAL B 49 -26.43 -0.24 -3.94
CA VAL B 49 -27.79 -0.65 -3.67
C VAL B 49 -28.69 -0.42 -4.89
N GLN B 50 -28.48 0.71 -5.55
CA GLN B 50 -29.23 1.08 -6.74
C GLN B 50 -28.85 0.24 -7.97
N ILE B 51 -27.55 0.14 -8.25
CA ILE B 51 -27.12 -0.65 -9.38
C ILE B 51 -27.68 -2.05 -9.19
N ASN B 52 -27.78 -2.49 -7.94
CA ASN B 52 -28.28 -3.84 -7.72
C ASN B 52 -29.70 -4.11 -8.28
N ARG B 53 -30.49 -3.06 -8.46
CA ARG B 53 -31.84 -3.26 -8.98
C ARG B 53 -31.78 -3.94 -10.34
N VAL B 54 -30.63 -3.88 -11.00
CA VAL B 54 -30.44 -4.52 -12.29
C VAL B 54 -29.72 -5.85 -12.11
N MET B 55 -28.76 -5.86 -11.18
CA MET B 55 -27.92 -7.03 -10.93
C MET B 55 -28.60 -8.12 -10.12
N ASN B 56 -29.42 -7.69 -9.16
CA ASN B 56 -30.15 -8.61 -8.29
C ASN B 56 -29.26 -9.61 -7.59
N LEU B 57 -28.27 -9.12 -6.83
CA LEU B 57 -27.44 -10.01 -6.07
C LEU B 57 -28.22 -10.28 -4.80
N PRO B 58 -28.12 -11.49 -4.25
CA PRO B 58 -28.86 -11.75 -3.01
C PRO B 58 -28.32 -10.77 -1.91
N LYS B 59 -29.18 -10.33 -0.99
CA LYS B 59 -28.79 -9.37 0.06
C LYS B 59 -27.50 -9.60 0.83
N ASP B 60 -27.18 -10.85 1.11
CA ASP B 60 -25.96 -11.13 1.82
C ASP B 60 -24.72 -11.01 0.92
N GLN B 61 -24.83 -11.29 -0.38
CA GLN B 61 -23.63 -11.08 -1.18
C GLN B 61 -23.49 -9.59 -1.39
N LEU B 62 -24.62 -8.91 -1.50
CA LEU B 62 -24.56 -7.47 -1.71
C LEU B 62 -23.85 -6.80 -0.51
N ALA B 63 -24.13 -7.30 0.70
CA ALA B 63 -23.49 -6.73 1.90
C ALA B 63 -21.95 -6.77 1.83
N ILE B 64 -21.44 -7.89 1.34
CA ILE B 64 -20.02 -8.12 1.21
C ILE B 64 -19.38 -7.21 0.16
N VAL B 65 -19.97 -7.13 -1.04
CA VAL B 65 -19.44 -6.28 -2.10
C VAL B 65 -19.34 -4.89 -1.45
N SER B 66 -20.40 -4.53 -0.75
CA SER B 66 -20.50 -3.28 -0.04
C SER B 66 -19.31 -3.08 0.92
N GLN B 67 -19.07 -4.07 1.77
CA GLN B 67 -17.96 -3.98 2.72
C GLN B 67 -16.62 -3.84 2.00
N ILE B 68 -16.44 -4.57 0.89
CA ILE B 68 -15.22 -4.52 0.11
C ILE B 68 -14.93 -3.10 -0.37
N VAL B 69 -15.96 -2.50 -0.98
CA VAL B 69 -15.91 -1.16 -1.55
C VAL B 69 -15.63 -0.16 -0.45
N GLU B 70 -16.32 -0.29 0.68
CA GLU B 70 -16.12 0.64 1.76
C GLU B 70 -14.68 0.52 2.29
N LEU B 71 -14.19 -0.71 2.51
CA LEU B 71 -12.83 -0.94 2.97
C LEU B 71 -11.77 -0.37 2.02
N LEU B 72 -11.89 -0.67 0.74
CA LEU B 72 -10.87 -0.16 -0.22
C LEU B 72 -10.90 1.35 -0.32
N HIS B 73 -12.11 1.92 -0.34
CA HIS B 73 -12.22 3.34 -0.46
C HIS B 73 -11.66 4.05 0.77
N ASN B 74 -12.11 3.64 1.95
CA ASN B 74 -11.63 4.28 3.17
C ASN B 74 -10.12 4.17 3.34
N SER B 75 -9.58 2.97 3.14
CA SER B 75 -8.14 2.82 3.32
C SER B 75 -7.33 3.53 2.20
N SER B 76 -7.89 3.63 0.99
CA SER B 76 -7.20 4.33 -0.12
C SER B 76 -7.06 5.84 0.20
N LEU B 77 -8.02 6.43 0.93
CA LEU B 77 -7.86 7.85 1.30
C LEU B 77 -6.70 8.07 2.32
N LEU B 78 -6.45 7.06 3.17
CA LEU B 78 -5.37 7.14 4.15
C LEU B 78 -4.04 7.27 3.41
N ILE B 79 -3.86 6.45 2.35
CA ILE B 79 -2.64 6.45 1.53
C ILE B 79 -2.60 7.72 0.63
N ASP B 80 -3.75 8.05 0.06
CA ASP B 80 -3.89 9.21 -0.83
C ASP B 80 -3.44 10.48 -0.06
N ASP B 81 -3.86 10.59 1.21
CA ASP B 81 -3.48 11.77 1.98
C ASP B 81 -1.99 11.79 2.32
N ILE B 82 -1.38 10.63 2.56
CA ILE B 82 0.05 10.66 2.81
C ILE B 82 0.76 11.09 1.49
N GLU B 83 0.26 10.56 0.37
CA GLU B 83 0.92 10.82 -0.93
C GLU B 83 0.77 12.27 -1.35
N ASP B 84 -0.27 12.95 -0.89
CA ASP B 84 -0.44 14.37 -1.23
C ASP B 84 -0.07 15.26 -0.01
N ASN B 85 0.45 14.66 1.05
CA ASN B 85 0.72 15.37 2.30
C ASN B 85 -0.43 16.32 2.72
N ALA B 86 -1.65 15.79 2.68
CA ALA B 86 -2.83 16.55 2.99
C ALA B 86 -3.03 16.66 4.48
N PRO B 87 -3.41 17.85 4.94
CA PRO B 87 -3.66 18.10 6.37
C PRO B 87 -5.06 17.77 6.86
N LEU B 88 -6.04 17.79 5.99
CA LEU B 88 -7.43 17.57 6.36
C LEU B 88 -8.17 16.60 5.47
N ARG B 89 -9.09 15.82 6.05
CA ARG B 89 -9.87 14.87 5.26
C ARG B 89 -11.18 14.76 6.02
N ARG B 90 -12.29 14.91 5.31
CA ARG B 90 -13.62 14.84 5.92
C ARG B 90 -13.72 15.82 7.12
N GLY B 91 -13.08 16.98 6.99
CA GLY B 91 -13.12 17.95 8.06
C GLY B 91 -12.27 17.71 9.31
N GLN B 92 -11.45 16.67 9.35
CA GLN B 92 -10.61 16.44 10.52
C GLN B 92 -9.16 16.22 10.10
N THR B 93 -8.25 16.29 11.06
CA THR B 93 -6.82 16.09 10.82
C THR B 93 -6.63 14.68 10.22
N THR B 94 -5.83 14.60 9.17
CA THR B 94 -5.61 13.29 8.56
C THR B 94 -4.95 12.32 9.54
N SER B 95 -5.23 11.03 9.38
CA SER B 95 -4.69 10.00 10.26
C SER B 95 -3.16 9.96 10.34
N HIS B 96 -2.46 10.19 9.22
CA HIS B 96 -1.02 10.10 9.28
C HIS B 96 -0.40 11.17 10.12
N LEU B 97 -1.12 12.27 10.33
CA LEU B 97 -0.56 13.34 11.12
C LEU B 97 -0.79 13.08 12.59
N ILE B 98 -1.71 12.17 12.92
CA ILE B 98 -1.98 11.82 14.32
C ILE B 98 -1.26 10.53 14.69
N PHE B 99 -1.38 9.50 13.83
CA PHE B 99 -0.74 8.21 14.15
C PHE B 99 0.63 8.04 13.51
N GLY B 100 1.03 8.98 12.63
CA GLY B 100 2.33 8.89 11.97
C GLY B 100 2.20 8.21 10.61
N VAL B 101 3.09 8.58 9.71
CA VAL B 101 3.09 7.97 8.40
C VAL B 101 3.29 6.45 8.43
N PRO B 102 4.25 5.94 9.22
CA PRO B 102 4.48 4.47 9.25
C PRO B 102 3.26 3.63 9.56
N SER B 103 2.59 3.91 10.66
CA SER B 103 1.43 3.13 11.01
C SER B 103 0.30 3.27 10.02
N THR B 104 0.11 4.49 9.49
CA THR B 104 -0.98 4.73 8.55
C THR B 104 -0.78 3.93 7.24
N ILE B 105 0.45 3.87 6.69
CA ILE B 105 0.72 3.08 5.45
C ILE B 105 0.45 1.58 5.74
N ASN B 106 0.96 1.12 6.87
CA ASN B 106 0.82 -0.29 7.18
C ASN B 106 -0.66 -0.67 7.37
N THR B 107 -1.37 0.18 8.10
CA THR B 107 -2.76 -0.08 8.37
C THR B 107 -3.56 -0.07 7.06
N ALA B 108 -3.28 0.91 6.22
CA ALA B 108 -4.01 0.98 4.93
C ALA B 108 -3.72 -0.29 4.07
N ASN B 109 -2.46 -0.71 4.03
CA ASN B 109 -2.09 -1.86 3.22
C ASN B 109 -2.75 -3.12 3.83
N TYR B 110 -2.75 -3.23 5.16
CA TYR B 110 -3.44 -4.35 5.81
C TYR B 110 -4.90 -4.44 5.38
N MET B 111 -5.57 -3.30 5.30
CA MET B 111 -6.97 -3.29 4.91
C MET B 111 -7.17 -3.71 3.43
N TYR B 112 -6.17 -3.46 2.58
CA TYR B 112 -6.25 -3.88 1.19
C TYR B 112 -6.39 -5.41 1.20
N PHE B 113 -5.57 -6.09 2.00
CA PHE B 113 -5.62 -7.56 2.04
C PHE B 113 -6.84 -8.11 2.80
N ARG B 114 -7.36 -7.37 3.76
CA ARG B 114 -8.59 -7.81 4.45
C ARG B 114 -9.73 -7.68 3.37
N ALA B 115 -9.61 -6.71 2.46
CA ALA B 115 -10.64 -6.53 1.46
C ALA B 115 -10.57 -7.72 0.51
N MET B 116 -9.36 -8.08 0.12
CA MET B 116 -9.18 -9.22 -0.75
C MET B 116 -9.77 -10.55 -0.14
N GLN B 117 -9.59 -10.73 1.17
CA GLN B 117 -10.08 -11.92 1.85
C GLN B 117 -11.62 -11.95 1.81
N LEU B 118 -12.28 -10.80 1.77
CA LEU B 118 -13.72 -10.73 1.67
C LEU B 118 -14.18 -11.19 0.27
N VAL B 119 -13.38 -10.87 -0.75
CA VAL B 119 -13.66 -11.27 -2.13
C VAL B 119 -13.82 -12.78 -2.17
N SER B 120 -12.91 -13.47 -1.48
CA SER B 120 -12.93 -14.93 -1.43
C SER B 120 -14.20 -15.49 -0.78
N GLN B 121 -14.91 -14.66 -0.02
CA GLN B 121 -16.15 -15.04 0.64
C GLN B 121 -17.44 -14.74 -0.14
N LEU B 122 -17.31 -14.20 -1.34
CA LEU B 122 -18.47 -13.94 -2.18
C LEU B 122 -19.05 -15.25 -2.79
N THR B 123 -18.21 -16.22 -3.12
CA THR B 123 -18.70 -17.44 -3.74
C THR B 123 -17.75 -18.59 -3.50
N THR B 124 -18.22 -19.83 -3.67
CA THR B 124 -17.36 -21.00 -3.55
C THR B 124 -17.27 -21.71 -4.90
N LYS B 125 -17.97 -21.19 -5.90
CA LYS B 125 -17.89 -21.81 -7.24
C LYS B 125 -16.47 -21.46 -7.72
N GLU B 126 -15.59 -22.47 -7.72
CA GLU B 126 -14.16 -22.30 -8.06
C GLU B 126 -13.83 -21.52 -9.33
N PRO B 127 -14.71 -21.61 -10.34
CA PRO B 127 -14.46 -20.86 -11.60
C PRO B 127 -14.78 -19.36 -11.46
N LEU B 128 -15.99 -19.08 -11.01
CA LEU B 128 -16.45 -17.76 -10.72
C LEU B 128 -15.45 -17.08 -9.71
N TYR B 129 -14.95 -17.87 -8.76
CA TYR B 129 -13.99 -17.38 -7.79
C TYR B 129 -12.75 -16.85 -8.49
N HIS B 130 -12.22 -17.62 -9.43
CA HIS B 130 -11.02 -17.17 -10.11
C HIS B 130 -11.29 -15.89 -10.88
N ASN B 131 -12.50 -15.73 -11.41
CA ASN B 131 -12.86 -14.55 -12.17
C ASN B 131 -12.89 -13.32 -11.27
N LEU B 132 -13.50 -13.47 -10.08
CA LEU B 132 -13.59 -12.43 -9.06
C LEU B 132 -12.19 -12.00 -8.56
N ILE B 133 -11.32 -12.96 -8.37
CA ILE B 133 -9.98 -12.62 -7.99
C ILE B 133 -9.30 -11.88 -9.18
N THR B 134 -9.53 -12.32 -10.41
CA THR B 134 -8.90 -11.66 -11.54
C THR B 134 -9.38 -10.21 -11.67
N ILE B 135 -10.65 -9.97 -11.43
CA ILE B 135 -11.18 -8.62 -11.53
C ILE B 135 -10.52 -7.70 -10.44
N PHE B 136 -10.46 -8.21 -9.21
CA PHE B 136 -9.93 -7.50 -8.07
C PHE B 136 -8.49 -7.13 -8.41
N ASN B 137 -7.73 -8.14 -8.81
CA ASN B 137 -6.31 -7.95 -9.16
C ASN B 137 -6.08 -6.93 -10.28
N GLU B 138 -6.88 -7.04 -11.35
CA GLU B 138 -6.76 -6.15 -12.48
C GLU B 138 -7.03 -4.67 -12.15
N GLU B 139 -8.10 -4.41 -11.40
CA GLU B 139 -8.46 -3.06 -11.09
C GLU B 139 -7.51 -2.44 -10.08
N LEU B 140 -6.99 -3.23 -9.13
CA LEU B 140 -6.04 -2.71 -8.16
C LEU B 140 -4.76 -2.30 -8.93
N ILE B 141 -4.40 -3.07 -9.95
CA ILE B 141 -3.21 -2.74 -10.74
C ILE B 141 -3.46 -1.40 -11.56
N ASN B 142 -4.64 -1.25 -12.15
CA ASN B 142 -5.00 -0.04 -12.91
C ASN B 142 -4.98 1.14 -11.95
N LEU B 143 -5.54 0.95 -10.78
CA LEU B 143 -5.59 1.98 -9.78
C LEU B 143 -4.20 2.52 -9.46
N HIS B 144 -3.27 1.62 -9.19
CA HIS B 144 -1.94 2.04 -8.83
C HIS B 144 -1.20 2.64 -10.01
N ARG B 145 -1.46 2.16 -11.23
CA ARG B 145 -0.80 2.77 -12.44
C ARG B 145 -1.30 4.22 -12.59
N GLY B 146 -2.60 4.40 -12.44
CA GLY B 146 -3.19 5.72 -12.57
C GLY B 146 -2.63 6.63 -11.49
N GLN B 147 -2.68 6.19 -10.23
CA GLN B 147 -2.13 7.01 -9.12
C GLN B 147 -0.59 7.21 -9.31
N GLY B 148 0.11 6.20 -9.77
CA GLY B 148 1.55 6.39 -9.97
C GLY B 148 1.83 7.47 -11.02
N LEU B 149 1.01 7.55 -12.06
CA LEU B 149 1.21 8.54 -13.13
C LEU B 149 0.84 9.94 -12.63
N ASP B 150 -0.28 10.06 -11.92
CA ASP B 150 -0.70 11.38 -11.35
C ASP B 150 0.42 11.92 -10.42
N ILE B 151 0.99 11.05 -9.60
CA ILE B 151 2.04 11.45 -8.67
C ILE B 151 3.29 11.82 -9.43
N TYR B 152 3.60 11.01 -10.43
CA TYR B 152 4.81 11.26 -11.21
C TYR B 152 4.79 12.68 -11.85
N TRP B 153 3.69 13.01 -12.56
CA TRP B 153 3.64 14.31 -13.21
C TRP B 153 3.83 15.41 -12.18
N ARG B 154 3.12 15.26 -11.06
CA ARG B 154 3.18 16.23 -10.01
C ARG B 154 4.58 16.36 -9.42
N ASP B 155 5.24 15.23 -9.10
CA ASP B 155 6.56 15.32 -8.51
C ASP B 155 7.71 15.55 -9.47
N PHE B 156 7.49 15.37 -10.77
CA PHE B 156 8.61 15.61 -11.71
C PHE B 156 8.33 16.93 -12.42
N LEU B 157 7.23 17.59 -12.07
CA LEU B 157 6.90 18.87 -12.74
C LEU B 157 8.14 19.80 -12.54
N PRO B 158 8.55 20.55 -13.57
CA PRO B 158 7.98 20.66 -14.92
C PRO B 158 8.56 19.76 -16.02
N GLU B 159 9.06 18.57 -15.68
CA GLU B 159 9.59 17.71 -16.72
C GLU B 159 8.49 17.37 -17.79
N ILE B 160 7.31 16.92 -17.36
CA ILE B 160 6.25 16.54 -18.31
C ILE B 160 4.97 17.30 -18.05
N ILE B 161 4.42 17.92 -19.08
CA ILE B 161 3.17 18.65 -18.89
C ILE B 161 2.18 17.80 -19.67
N PRO B 162 1.31 17.09 -18.96
CA PRO B 162 0.39 16.29 -19.74
C PRO B 162 -0.65 17.07 -20.51
N THR B 163 -1.10 16.44 -21.60
CA THR B 163 -2.15 16.94 -22.42
C THR B 163 -3.45 16.48 -21.78
N GLN B 164 -4.55 16.96 -22.33
CA GLN B 164 -5.85 16.57 -21.86
C GLN B 164 -6.06 15.03 -22.09
N GLU B 165 -5.61 14.53 -23.23
CA GLU B 165 -5.79 13.12 -23.53
C GLU B 165 -5.01 12.28 -22.51
N MET B 166 -3.81 12.71 -22.17
CA MET B 166 -3.02 11.95 -21.18
C MET B 166 -3.75 11.92 -19.86
N TYR B 167 -4.25 13.08 -19.44
CA TYR B 167 -4.98 13.23 -18.19
C TYR B 167 -6.17 12.25 -18.16
N LEU B 168 -6.95 12.19 -19.25
CA LEU B 168 -8.10 11.29 -19.27
C LEU B 168 -7.72 9.81 -19.16
N ASN B 169 -6.60 9.41 -19.76
CA ASN B 169 -6.13 8.02 -19.64
C ASN B 169 -5.72 7.73 -18.18
N MET B 170 -5.09 8.70 -17.56
CA MET B 170 -4.69 8.53 -16.16
C MET B 170 -5.94 8.32 -15.33
N VAL B 171 -6.96 9.18 -15.55
CA VAL B 171 -8.22 9.09 -14.80
C VAL B 171 -8.90 7.73 -15.06
N MET B 172 -8.87 7.27 -16.31
CA MET B 172 -9.47 5.96 -16.63
C MET B 172 -8.82 4.86 -15.73
N ASN B 173 -7.50 4.90 -15.62
CA ASN B 173 -6.81 3.93 -14.79
C ASN B 173 -7.16 4.09 -13.30
N LYS B 174 -6.95 5.28 -12.78
CA LYS B 174 -7.15 5.58 -11.36
C LYS B 174 -8.61 5.58 -10.86
N THR B 175 -9.29 6.67 -11.14
CA THR B 175 -10.68 6.86 -10.73
C THR B 175 -11.61 5.74 -11.29
N GLY B 176 -11.46 5.43 -12.57
CA GLY B 176 -12.31 4.39 -13.13
C GLY B 176 -12.01 3.02 -12.53
N GLY B 177 -10.84 2.87 -11.91
CA GLY B 177 -10.49 1.58 -11.35
C GLY B 177 -11.42 1.10 -10.26
N LEU B 178 -11.76 1.97 -9.33
CA LEU B 178 -12.65 1.52 -8.26
C LEU B 178 -14.11 1.43 -8.70
N PHE B 179 -14.53 2.26 -9.65
CA PHE B 179 -15.91 2.17 -10.16
C PHE B 179 -16.07 0.86 -10.95
N ARG B 180 -15.09 0.57 -11.81
CA ARG B 180 -15.10 -0.66 -12.61
C ARG B 180 -15.03 -1.91 -11.69
N LEU B 181 -14.20 -1.82 -10.68
CA LEU B 181 -14.06 -2.91 -9.73
C LEU B 181 -15.43 -3.27 -9.09
N THR B 182 -16.17 -2.28 -8.61
CA THR B 182 -17.46 -2.57 -7.99
C THR B 182 -18.41 -3.15 -9.03
N LEU B 183 -18.50 -2.48 -10.17
CA LEU B 183 -19.38 -2.93 -11.21
C LEU B 183 -19.05 -4.31 -11.79
N ARG B 184 -17.77 -4.58 -12.10
CA ARG B 184 -17.42 -5.89 -12.66
C ARG B 184 -17.73 -7.04 -11.67
N LEU B 185 -17.45 -6.83 -10.38
CA LEU B 185 -17.77 -7.83 -9.36
C LEU B 185 -19.27 -8.02 -9.36
N MET B 186 -20.03 -6.93 -9.33
CA MET B 186 -21.49 -7.10 -9.32
C MET B 186 -21.99 -7.81 -10.55
N GLU B 187 -21.46 -7.43 -11.70
CA GLU B 187 -21.86 -8.05 -12.94
C GLU B 187 -21.48 -9.50 -12.97
N ALA B 188 -20.31 -9.87 -12.43
CA ALA B 188 -19.91 -11.29 -12.48
C ALA B 188 -20.76 -12.14 -11.56
N LEU B 189 -21.32 -11.51 -10.55
CA LEU B 189 -22.14 -12.21 -9.57
C LEU B 189 -23.62 -12.32 -9.97
N SER B 190 -24.10 -11.34 -10.73
CA SER B 190 -25.49 -11.30 -11.10
C SER B 190 -26.11 -12.61 -11.61
N PRO B 191 -27.24 -13.00 -11.03
CA PRO B 191 -28.01 -14.19 -11.39
C PRO B 191 -28.62 -13.92 -12.77
N SER B 192 -29.28 -12.75 -12.93
CA SER B 192 -29.92 -12.32 -14.19
C SER B 192 -29.04 -12.62 -15.41
N HIS B 197 -24.67 -6.35 -22.88
CA HIS B 197 -24.73 -4.95 -22.33
C HIS B 197 -24.18 -4.84 -20.91
N SER B 198 -22.99 -4.26 -20.83
CA SER B 198 -22.38 -4.05 -19.54
C SER B 198 -22.61 -2.61 -19.16
N LEU B 199 -22.63 -2.34 -17.87
CA LEU B 199 -22.76 -0.97 -17.42
C LEU B 199 -21.32 -0.40 -17.21
N VAL B 200 -20.29 -1.11 -17.67
CA VAL B 200 -18.90 -0.63 -17.47
C VAL B 200 -18.62 0.70 -18.16
N PRO B 201 -19.04 0.87 -19.44
CA PRO B 201 -18.82 2.12 -20.17
C PRO B 201 -19.50 3.25 -19.37
N PHE B 202 -20.73 2.98 -18.94
CA PHE B 202 -21.39 3.99 -18.15
C PHE B 202 -20.59 4.34 -16.88
N ILE B 203 -20.09 3.32 -16.20
CA ILE B 203 -19.37 3.57 -14.96
C ILE B 203 -18.04 4.30 -15.24
N ASN B 204 -17.43 4.05 -16.38
CA ASN B 204 -16.19 4.73 -16.73
C ASN B 204 -16.49 6.24 -16.85
N LEU B 205 -17.58 6.54 -17.57
CA LEU B 205 -17.99 7.92 -17.78
C LEU B 205 -18.28 8.58 -16.42
N LEU B 206 -18.94 7.87 -15.52
CA LEU B 206 -19.23 8.41 -14.20
C LEU B 206 -17.91 8.77 -13.45
N GLY B 207 -16.93 7.89 -13.55
CA GLY B 207 -15.64 8.09 -12.88
C GLY B 207 -14.92 9.29 -13.45
N ILE B 208 -15.02 9.48 -14.77
CA ILE B 208 -14.38 10.64 -15.40
C ILE B 208 -15.10 11.91 -14.98
N ILE B 209 -16.42 11.90 -15.00
CA ILE B 209 -17.17 13.07 -14.57
C ILE B 209 -16.85 13.38 -13.13
N TYR B 210 -16.82 12.35 -12.31
CA TYR B 210 -16.54 12.50 -10.88
C TYR B 210 -15.19 13.16 -10.63
N GLN B 211 -14.17 12.64 -11.29
CA GLN B 211 -12.85 13.21 -11.04
C GLN B 211 -12.69 14.67 -11.52
N ILE B 212 -13.21 14.97 -12.70
CA ILE B 212 -13.11 16.34 -13.26
C ILE B 212 -13.87 17.32 -12.39
N ARG B 213 -15.07 16.90 -12.00
CA ARG B 213 -15.91 17.66 -11.11
C ARG B 213 -15.16 17.88 -9.79
N ASP B 214 -14.50 16.84 -9.30
CA ASP B 214 -13.76 16.96 -8.03
C ASP B 214 -12.64 18.00 -8.20
N ASP B 215 -11.90 17.94 -9.32
CA ASP B 215 -10.81 18.92 -9.58
C ASP B 215 -11.38 20.38 -9.64
N TYR B 216 -12.51 20.50 -10.33
CA TYR B 216 -13.17 21.78 -10.51
C TYR B 216 -13.65 22.39 -9.17
N LEU B 217 -14.39 21.63 -8.35
CA LEU B 217 -14.87 22.17 -7.09
C LEU B 217 -13.77 22.52 -6.11
N ASN B 218 -12.64 21.82 -6.18
CA ASN B 218 -11.56 22.14 -5.31
C ASN B 218 -11.11 23.56 -5.55
N LEU B 219 -11.18 24.03 -6.80
CA LEU B 219 -10.78 25.41 -7.09
C LEU B 219 -11.97 26.38 -6.92
N LYS B 220 -13.16 25.93 -7.34
CA LYS B 220 -14.40 26.71 -7.30
C LYS B 220 -14.90 27.03 -5.87
N ASP B 221 -14.78 26.09 -4.94
CA ASP B 221 -15.23 26.32 -3.57
C ASP B 221 -14.35 27.36 -2.91
N PHE B 222 -13.09 27.43 -3.36
CA PHE B 222 -12.14 28.40 -2.82
C PHE B 222 -12.47 29.77 -3.38
N GLN B 223 -12.87 29.80 -4.65
CA GLN B 223 -13.26 31.05 -5.29
C GLN B 223 -14.58 31.58 -4.65
N MET B 224 -15.53 30.68 -4.39
CA MET B 224 -16.78 31.06 -3.77
C MET B 224 -16.56 31.54 -2.31
N PHE B 230 -10.28 26.12 0.45
CA PHE B 230 -8.85 25.75 0.74
C PHE B 230 -7.99 25.58 -0.51
N ALA B 231 -8.58 25.05 -1.57
CA ALA B 231 -7.91 24.79 -2.86
C ALA B 231 -6.59 24.06 -2.61
N GLU B 232 -6.63 23.01 -1.79
CA GLU B 232 -5.42 22.25 -1.45
C GLU B 232 -4.75 21.65 -2.66
N ASP B 233 -5.50 21.41 -3.74
CA ASP B 233 -4.89 20.89 -4.95
C ASP B 233 -3.76 21.82 -5.44
N ILE B 234 -3.87 23.12 -5.20
CA ILE B 234 -2.81 24.01 -5.65
C ILE B 234 -1.55 23.84 -4.77
N THR B 235 -1.79 23.72 -3.47
CA THR B 235 -0.71 23.53 -2.51
C THR B 235 0.06 22.25 -2.83
N GLU B 236 -0.64 21.23 -3.33
CA GLU B 236 -0.03 19.94 -3.69
C GLU B 236 0.63 19.94 -5.03
N GLY B 237 0.37 20.96 -5.85
CA GLY B 237 0.98 21.06 -7.17
C GLY B 237 0.34 20.09 -8.16
N LYS B 238 -0.88 19.68 -7.89
CA LYS B 238 -1.58 18.70 -8.73
C LYS B 238 -1.83 19.12 -10.19
N LEU B 239 -1.62 18.19 -11.15
CA LEU B 239 -1.91 18.48 -12.58
C LEU B 239 -3.41 18.20 -12.75
N SER B 240 -4.21 19.03 -12.10
CA SER B 240 -5.69 18.86 -12.15
C SER B 240 -6.21 19.18 -13.58
N PHE B 241 -7.44 18.77 -13.87
CA PHE B 241 -7.99 19.01 -15.22
C PHE B 241 -7.93 20.51 -15.67
N PRO B 242 -8.31 21.45 -14.80
CA PRO B 242 -8.27 22.87 -15.17
C PRO B 242 -6.84 23.41 -15.32
N ILE B 243 -5.92 22.88 -14.52
CA ILE B 243 -4.53 23.29 -14.58
C ILE B 243 -3.92 22.75 -15.90
N VAL B 244 -4.29 21.52 -16.29
CA VAL B 244 -3.81 20.92 -17.52
C VAL B 244 -4.33 21.77 -18.69
N HIS B 245 -5.60 22.13 -18.67
CA HIS B 245 -6.12 22.97 -19.73
C HIS B 245 -5.31 24.29 -19.72
N ALA B 246 -5.12 24.90 -18.55
CA ALA B 246 -4.46 26.19 -18.48
C ALA B 246 -3.01 26.15 -19.01
N LEU B 247 -2.27 25.09 -18.68
CA LEU B 247 -0.89 24.94 -19.15
C LEU B 247 -0.83 24.72 -20.67
N ASN B 248 -1.76 23.94 -21.21
CA ASN B 248 -1.72 23.72 -22.66
C ASN B 248 -2.30 24.94 -23.42
N PHE B 249 -3.21 25.67 -22.80
CA PHE B 249 -3.78 26.84 -23.42
C PHE B 249 -2.69 27.89 -23.55
N THR B 250 -1.93 28.14 -22.49
CA THR B 250 -0.93 29.17 -22.54
C THR B 250 0.17 28.79 -23.48
N LYS B 251 0.49 27.48 -23.55
CA LYS B 251 1.52 27.01 -24.49
C LYS B 251 1.07 27.30 -25.97
N THR B 252 -0.16 26.89 -26.27
CA THR B 252 -0.74 27.04 -27.59
C THR B 252 -0.82 28.49 -28.06
N LYS B 253 -1.17 29.38 -27.17
CA LYS B 253 -1.25 30.80 -27.52
C LYS B 253 0.07 31.51 -27.37
N GLY B 254 1.14 30.78 -27.11
CA GLY B 254 2.41 31.45 -26.95
C GLY B 254 2.50 32.41 -25.78
N GLN B 255 1.65 32.23 -24.77
CA GLN B 255 1.69 33.10 -23.60
C GLN B 255 2.71 32.59 -22.55
N THR B 256 3.95 32.89 -22.87
CA THR B 256 5.10 32.54 -22.07
C THR B 256 5.09 32.96 -20.60
N GLU B 257 4.85 34.23 -20.30
CA GLU B 257 4.87 34.63 -18.91
C GLU B 257 3.75 33.99 -18.08
N GLN B 258 2.58 33.82 -18.68
CA GLN B 258 1.48 33.22 -17.99
C GLN B 258 1.75 31.72 -17.74
N HIS B 259 2.28 31.05 -18.76
CA HIS B 259 2.62 29.65 -18.67
C HIS B 259 3.57 29.44 -17.46
N ASN B 260 4.66 30.22 -17.44
CA ASN B 260 5.64 30.17 -16.41
C ASN B 260 5.13 30.50 -14.98
N GLU B 261 4.23 31.47 -14.93
CA GLU B 261 3.67 31.88 -13.66
C GLU B 261 2.82 30.74 -13.10
N ILE B 262 2.10 30.01 -13.96
CA ILE B 262 1.28 28.88 -13.46
C ILE B 262 2.25 27.83 -12.85
N LEU B 263 3.34 27.52 -13.57
CA LEU B 263 4.32 26.55 -13.06
C LEU B 263 4.94 27.01 -11.76
N ARG B 264 5.28 28.29 -11.68
CA ARG B 264 5.92 28.78 -10.48
C ARG B 264 5.09 28.63 -9.21
N ILE B 265 3.80 28.92 -9.32
CA ILE B 265 2.91 28.82 -8.19
C ILE B 265 2.70 27.36 -7.79
N LEU B 266 2.48 26.47 -8.77
CA LEU B 266 2.34 25.05 -8.47
C LEU B 266 3.63 24.52 -7.74
N LEU B 267 4.78 24.93 -8.25
CA LEU B 267 6.05 24.52 -7.69
C LEU B 267 6.31 25.07 -6.31
N LEU B 268 5.65 26.18 -5.99
CA LEU B 268 5.81 26.76 -4.67
C LEU B 268 5.29 25.86 -3.51
N ARG B 269 4.29 25.04 -3.79
CA ARG B 269 3.61 24.17 -2.78
C ARG B 269 3.15 25.10 -1.70
N THR B 270 2.50 26.16 -2.12
CA THR B 270 2.13 27.17 -1.17
C THR B 270 0.79 27.04 -0.49
N SER B 271 0.76 27.48 0.75
CA SER B 271 -0.53 27.50 1.44
C SER B 271 -0.89 28.98 1.60
N ASP B 272 -0.19 29.87 0.93
CA ASP B 272 -0.54 31.30 1.03
C ASP B 272 -1.81 31.60 0.14
N LYS B 273 -2.92 31.89 0.79
CA LYS B 273 -4.14 32.13 0.04
C LYS B 273 -4.09 33.21 -1.03
N ASP B 274 -3.32 34.25 -0.83
CA ASP B 274 -3.25 35.28 -1.85
C ASP B 274 -2.55 34.74 -3.09
N ILE B 275 -1.63 33.79 -2.92
CA ILE B 275 -0.95 33.28 -4.07
C ILE B 275 -1.86 32.29 -4.77
N LYS B 276 -2.62 31.56 -3.97
CA LYS B 276 -3.54 30.60 -4.55
C LYS B 276 -4.61 31.34 -5.37
N LEU B 277 -5.11 32.46 -4.84
CA LEU B 277 -6.13 33.26 -5.55
C LEU B 277 -5.53 33.82 -6.84
N LYS B 278 -4.27 34.18 -6.83
CA LYS B 278 -3.61 34.65 -8.04
C LYS B 278 -3.60 33.61 -9.18
N LEU B 279 -3.36 32.33 -8.85
CA LEU B 279 -3.38 31.28 -9.88
C LEU B 279 -4.84 31.16 -10.37
N ILE B 280 -5.80 31.20 -9.44
CA ILE B 280 -7.19 31.10 -9.86
C ILE B 280 -7.59 32.25 -10.81
N GLN B 281 -7.01 33.45 -10.58
CA GLN B 281 -7.29 34.61 -11.41
C GLN B 281 -6.77 34.32 -12.80
N ILE B 282 -5.63 33.66 -12.86
CA ILE B 282 -5.05 33.36 -14.15
C ILE B 282 -5.97 32.42 -14.91
N LEU B 283 -6.50 31.46 -14.17
CA LEU B 283 -7.38 30.48 -14.75
C LEU B 283 -8.72 31.13 -15.16
N GLU B 284 -9.14 32.12 -14.40
CA GLU B 284 -10.41 32.77 -14.68
C GLU B 284 -10.27 33.82 -15.82
N PHE B 285 -9.33 34.75 -15.70
CA PHE B 285 -9.20 35.80 -16.71
C PHE B 285 -8.28 35.59 -17.90
N ASP B 286 -7.21 34.82 -17.77
CA ASP B 286 -6.33 34.64 -18.90
C ASP B 286 -6.69 33.42 -19.74
N THR B 287 -6.89 32.27 -19.13
CA THR B 287 -7.14 31.05 -19.90
C THR B 287 -8.61 30.61 -19.91
N ASN B 288 -9.44 31.18 -19.04
CA ASN B 288 -10.83 30.78 -18.93
C ASN B 288 -10.96 29.26 -18.69
N SER B 289 -10.02 28.72 -17.89
CA SER B 289 -10.01 27.27 -17.60
C SER B 289 -11.13 26.75 -16.73
N LEU B 290 -11.69 27.58 -15.85
CA LEU B 290 -12.80 27.10 -15.02
C LEU B 290 -14.09 26.98 -15.85
N ALA B 291 -14.39 27.97 -16.68
CA ALA B 291 -15.57 27.92 -17.57
C ALA B 291 -15.41 26.73 -18.56
N TYR B 292 -14.18 26.53 -19.01
CA TYR B 292 -13.91 25.43 -19.92
C TYR B 292 -14.24 24.08 -19.22
N THR B 293 -13.81 23.94 -18.00
CA THR B 293 -14.02 22.69 -17.30
C THR B 293 -15.50 22.46 -17.07
N LYS B 294 -16.19 23.50 -16.63
CA LYS B 294 -17.63 23.41 -16.37
C LYS B 294 -18.36 22.89 -17.62
N ASN B 295 -18.02 23.52 -18.74
CA ASN B 295 -18.59 23.19 -20.01
C ASN B 295 -18.21 21.76 -20.42
N PHE B 296 -16.97 21.35 -20.15
CA PHE B 296 -16.54 19.97 -20.48
C PHE B 296 -17.35 18.96 -19.66
N ILE B 297 -17.61 19.26 -18.38
CA ILE B 297 -18.39 18.38 -17.54
C ILE B 297 -19.85 18.30 -18.11
N ASN B 298 -20.38 19.44 -18.53
CA ASN B 298 -21.73 19.52 -19.07
C ASN B 298 -21.83 18.65 -20.32
N GLN B 299 -20.84 18.72 -21.19
CA GLN B 299 -20.86 17.91 -22.39
C GLN B 299 -20.85 16.40 -22.02
N LEU B 300 -20.12 16.04 -20.96
CA LEU B 300 -20.08 14.64 -20.53
C LEU B 300 -21.44 14.20 -19.98
N VAL B 301 -22.02 15.00 -19.09
CA VAL B 301 -23.33 14.69 -18.51
C VAL B 301 -24.41 14.62 -19.63
N ASN B 302 -24.33 15.54 -20.60
CA ASN B 302 -25.30 15.55 -21.72
C ASN B 302 -25.23 14.25 -22.53
N MET B 303 -24.06 13.60 -22.58
CA MET B 303 -23.96 12.30 -23.28
C MET B 303 -24.89 11.28 -22.60
N ILE B 304 -25.16 11.47 -21.32
CA ILE B 304 -26.05 10.58 -20.60
C ILE B 304 -27.48 11.13 -20.72
N LYS B 305 -27.62 12.43 -20.55
CA LYS B 305 -28.92 13.07 -20.65
C LYS B 305 -29.57 12.82 -22.00
N ASN B 306 -28.80 12.83 -23.08
CA ASN B 306 -29.38 12.63 -24.38
C ASN B 306 -29.22 11.23 -24.93
N ASP B 307 -29.05 10.26 -24.04
CA ASP B 307 -28.94 8.85 -24.46
C ASP B 307 -30.34 8.23 -24.52
N ASN B 308 -31.08 8.66 -25.52
CA ASN B 308 -32.44 8.22 -25.78
C ASN B 308 -32.47 6.71 -26.01
N GLU B 309 -31.53 6.26 -26.83
CA GLU B 309 -31.40 4.85 -27.16
C GLU B 309 -31.09 4.00 -25.93
N ASN B 310 -30.35 4.56 -24.98
CA ASN B 310 -29.93 3.84 -23.78
C ASN B 310 -28.75 2.99 -24.16
N LYS B 311 -27.81 3.60 -24.84
CA LYS B 311 -26.60 2.94 -25.27
C LYS B 311 -25.69 2.76 -24.03
N TYR B 312 -25.85 3.63 -23.04
CA TYR B 312 -25.01 3.56 -21.84
C TYR B 312 -25.82 3.20 -20.62
N LEU B 313 -27.03 3.71 -20.56
CA LEU B 313 -27.89 3.46 -19.43
C LEU B 313 -28.86 2.29 -19.70
N PRO B 314 -29.19 1.54 -18.65
CA PRO B 314 -30.09 0.38 -18.69
C PRO B 314 -31.52 0.76 -19.11
N ASP B 328 -32.64 6.11 -14.53
CA ASP B 328 -33.34 7.30 -13.96
C ASP B 328 -32.84 7.76 -12.59
N GLU B 329 -32.60 6.81 -11.70
CA GLU B 329 -32.06 7.12 -10.39
C GLU B 329 -30.61 7.48 -10.66
N LEU B 330 -30.09 6.86 -11.71
CA LEU B 330 -28.73 7.03 -12.17
C LEU B 330 -28.57 8.39 -12.87
N LEU B 331 -29.49 8.70 -13.80
CA LEU B 331 -29.44 9.97 -14.52
C LEU B 331 -29.55 11.13 -13.54
N TYR B 332 -30.38 10.96 -12.53
CA TYR B 332 -30.53 11.98 -11.50
C TYR B 332 -29.15 12.31 -10.92
N ILE B 333 -28.40 11.26 -10.60
CA ILE B 333 -27.06 11.40 -10.02
C ILE B 333 -26.18 12.18 -10.98
N ILE B 334 -26.23 11.78 -12.24
CA ILE B 334 -25.47 12.40 -13.31
C ILE B 334 -25.77 13.90 -13.38
N ASP B 335 -27.05 14.21 -13.55
CA ASP B 335 -27.47 15.60 -13.64
C ASP B 335 -27.03 16.38 -12.40
N HIS B 336 -27.03 15.70 -11.25
CA HIS B 336 -26.60 16.31 -9.98
C HIS B 336 -25.15 16.74 -10.11
N LEU B 337 -24.33 15.86 -10.65
CA LEU B 337 -22.92 16.12 -10.80
C LEU B 337 -22.66 17.29 -11.75
N SER B 338 -23.70 17.75 -12.46
CA SER B 338 -23.58 18.88 -13.41
C SER B 338 -23.15 20.20 -12.77
N GLU B 339 -22.16 20.86 -13.39
CA GLU B 339 -21.64 22.12 -12.85
C GLU B 339 -21.99 23.43 -13.55
CAY B29 C . 5.63 -6.83 3.56
CAP B29 C . 4.55 -6.46 2.76
CAI B29 C . 4.15 -7.27 1.71
CAH B29 C . 4.81 -8.47 1.48
CAO B29 C . 5.88 -8.85 2.28
CAX B29 C . 6.30 -8.03 3.32
OAT B29 C . 7.40 -8.07 4.13
CBA B29 C . 7.45 -6.92 4.88
CAZ B29 C . 6.36 -6.14 4.52
CAQ B29 C . 6.24 -4.84 5.03
CAK B29 C . 7.21 -4.36 5.89
CAN B29 C . 8.28 -5.15 6.26
CAW B29 C . 8.41 -6.44 5.76
CAV B29 C . 9.50 -7.23 6.13
CAR B29 C . 10.77 -6.67 6.21
CAM B29 C . 9.33 -8.59 6.41
CAJ B29 C . 10.43 -9.36 6.76
CAL B29 C . 11.70 -8.79 6.84
CAU B29 C . 11.88 -7.45 6.55
CAS B29 C . 13.27 -6.82 6.45
CBB B29 C . 14.17 -6.96 7.68
PBC B29 C . 15.69 -5.95 7.30
OAD B29 C . 16.82 -6.28 8.39
OAE B29 C . 16.17 -6.61 5.91
OAA B29 C . 15.41 -4.50 7.16
PBD B29 C . 13.29 -6.35 9.20
OAF B29 C . 12.40 -5.12 8.73
OAG B29 C . 12.31 -7.57 9.60
OAB B29 C . 14.21 -6.04 10.33
OAC B29 C . 14.56 -8.33 7.83
CAY B29 D . 13.59 -14.30 -0.47
CAP B29 D . 13.15 -15.11 -1.52
CAI B29 D . 13.47 -14.78 -2.83
CAH B29 D . 14.22 -13.65 -3.11
CAO B29 D . 14.66 -12.84 -2.06
CAX B29 D . 14.33 -13.16 -0.75
OAT B29 D . 14.65 -12.58 0.44
CBA B29 D . 14.13 -13.32 1.47
CAZ B29 D . 13.46 -14.39 0.91
CAQ B29 D . 12.80 -15.32 1.72
CAK B29 D . 12.81 -15.16 3.09
CAN B29 D . 13.47 -14.06 3.64
CAW B29 D . 14.15 -13.14 2.85
CAV B29 D . 14.78 -12.07 3.47
CAR B29 D . 15.98 -11.48 3.03
CAM B29 D . 14.21 -11.62 4.66
CAJ B29 D . 14.82 -10.61 5.41
CAL B29 D . 16.01 -10.04 4.95
CAU B29 D . 16.59 -10.47 3.77
CAS B29 D . 17.92 -9.83 3.35
CBB B29 D . 17.88 -8.32 3.04
PBC B29 D . 19.06 -7.28 4.05
OAD B29 D . 19.05 -5.81 3.42
OAE B29 D . 18.44 -7.12 5.51
OAA B29 D . 20.44 -7.82 4.03
PBD B29 D . 18.33 -8.06 1.25
OAF B29 D . 18.49 -6.48 1.09
OAG B29 D . 19.79 -8.71 1.11
OAB B29 D . 17.32 -8.65 0.34
OAC B29 D . 16.56 -7.78 3.20
CAY B29 E . -17.18 4.42 -5.80
CAP B29 E . -17.23 3.44 -6.77
CAI B29 E . -18.34 2.60 -6.86
CAH B29 E . -19.39 2.75 -5.97
CAO B29 E . -19.34 3.73 -4.98
CAX B29 E . -18.23 4.57 -4.90
OAT B29 E . -17.94 5.63 -4.09
CBA B29 E . -16.73 6.16 -4.44
CAZ B29 E . -16.24 5.41 -5.51
CAQ B29 E . -15.02 5.75 -6.08
CAK B29 E . -14.30 6.82 -5.59
CAN B29 E . -14.79 7.58 -4.53
CAW B29 E . -16.00 7.23 -3.94
CAV B29 E . -16.49 7.93 -2.85
CAR B29 E . -16.05 9.24 -2.63
CAM B29 E . -17.44 7.37 -2.02
CAJ B29 E . -17.98 8.09 -0.97
CAL B29 E . -17.57 9.39 -0.74
CAU B29 E . -16.60 9.96 -1.57
CAS B29 E . -16.11 11.39 -1.32
CBB B29 E . -14.90 11.39 -0.37
PBC B29 E . -14.30 13.15 -0.23
OAD B29 E . -13.34 13.19 1.06
OAE B29 E . -13.43 13.40 -1.56
OAA B29 E . -15.46 14.05 -0.09
PBD B29 E . -15.37 10.77 1.32
OAF B29 E . -16.86 11.30 1.61
OAG B29 E . -15.43 9.17 1.21
OAB B29 E . -14.38 11.25 2.30
OAC B29 E . -13.86 10.55 -0.90
CAY B29 F . -6.28 2.95 -3.92
CAP B29 F . -5.62 1.79 -3.52
CAI B29 F . -6.35 0.61 -3.40
CAH B29 F . -7.71 0.58 -3.66
CAO B29 F . -8.36 1.74 -4.07
CAX B29 F . -7.64 2.92 -4.20
OAT B29 F . -8.01 4.18 -4.57
CBA B29 F . -6.94 5.01 -4.52
CAZ B29 F . -5.84 4.26 -4.12
CAQ B29 F . -4.61 4.89 -3.90
CAK B29 F . -4.49 6.27 -4.09
CAN B29 F . -5.59 7.01 -4.49
CAW B29 F . -6.82 6.39 -4.72
CAV B29 F . -7.93 7.12 -5.13
CAR B29 F . -8.27 8.30 -4.48
CAM B29 F . -8.77 6.63 -6.13
CAJ B29 F . -9.94 7.31 -6.46
CAL B29 F . -10.28 8.48 -5.81
CAU B29 F . -9.44 8.98 -4.81
CAS B29 F . -9.85 10.20 -3.96
CBB B29 F . -10.07 11.53 -4.68
PBC B29 F . -10.38 12.78 -3.33
OAD B29 F . -9.00 12.90 -2.53
OAE B29 F . -10.65 14.20 -4.04
OAA B29 F . -11.53 12.36 -2.48
PBD B29 F . -8.62 12.06 -5.74
OAF B29 F . -7.25 11.73 -4.98
OAG B29 F . -8.67 11.00 -6.95
OAB B29 F . -8.71 13.45 -6.21
OAC B29 F . -11.22 11.49 -5.52
#